data_2BK2
# 
_entry.id   2BK2 
# 
_audit_conform.dict_name       mmcif_pdbx.dic 
_audit_conform.dict_version    5.391 
_audit_conform.dict_location   http://mmcif.pdb.org/dictionaries/ascii/mmcif_pdbx.dic 
# 
loop_
_database_2.database_id 
_database_2.database_code 
_database_2.pdbx_database_accession 
_database_2.pdbx_DOI 
PDB   2BK2         pdb_00002bk2 10.2210/pdb2bk2/pdb 
PDBE  EBI-22893    ?            ?                   
WWPDB D_1290022893 ?            ?                   
# 
loop_
_pdbx_audit_revision_history.ordinal 
_pdbx_audit_revision_history.data_content_type 
_pdbx_audit_revision_history.major_revision 
_pdbx_audit_revision_history.minor_revision 
_pdbx_audit_revision_history.revision_date 
1 'Structure model' 1 0 2005-05-04 
2 'Structure model' 1 1 2013-01-16 
3 'Structure model' 1 2 2024-05-08 
# 
_pdbx_audit_revision_details.ordinal             1 
_pdbx_audit_revision_details.revision_ordinal    1 
_pdbx_audit_revision_details.data_content_type   'Structure model' 
_pdbx_audit_revision_details.provider            repository 
_pdbx_audit_revision_details.type                'Initial release' 
_pdbx_audit_revision_details.description         ? 
_pdbx_audit_revision_details.details             ? 
# 
loop_
_pdbx_audit_revision_group.ordinal 
_pdbx_audit_revision_group.revision_ordinal 
_pdbx_audit_revision_group.data_content_type 
_pdbx_audit_revision_group.group 
1 2 'Structure model' 'Version format compliance' 
2 3 'Structure model' 'Data collection'           
3 3 'Structure model' 'Database references'       
4 3 'Structure model' 'Derived calculations'      
5 3 'Structure model' 'Refinement description'    
# 
loop_
_pdbx_audit_revision_category.ordinal 
_pdbx_audit_revision_category.revision_ordinal 
_pdbx_audit_revision_category.data_content_type 
_pdbx_audit_revision_category.category 
1 3 'Structure model' chem_comp_atom                
2 3 'Structure model' chem_comp_bond                
3 3 'Structure model' database_2                    
4 3 'Structure model' em_3d_fitting_list            
5 3 'Structure model' pdbx_initial_refinement_model 
6 3 'Structure model' pdbx_struct_oper_list         
# 
loop_
_pdbx_audit_revision_item.ordinal 
_pdbx_audit_revision_item.revision_ordinal 
_pdbx_audit_revision_item.data_content_type 
_pdbx_audit_revision_item.item 
1 3 'Structure model' '_database_2.pdbx_DOI'                            
2 3 'Structure model' '_database_2.pdbx_database_accession'             
3 3 'Structure model' '_em_3d_fitting_list.accession_code'              
4 3 'Structure model' '_em_3d_fitting_list.initial_refinement_model_id' 
5 3 'Structure model' '_em_3d_fitting_list.source_name'                 
6 3 'Structure model' '_em_3d_fitting_list.type'                        
7 3 'Structure model' '_pdbx_struct_oper_list.name'                     
8 3 'Structure model' '_pdbx_struct_oper_list.symmetry_operation'       
9 3 'Structure model' '_pdbx_struct_oper_list.type'                     
# 
_pdbx_database_status.status_code                     REL 
_pdbx_database_status.entry_id                        2BK2 
_pdbx_database_status.deposit_site                    PDBE 
_pdbx_database_status.process_site                    PDBE 
_pdbx_database_status.SG_entry                        . 
_pdbx_database_status.recvd_initial_deposition_date   2005-02-10 
_pdbx_database_status.pdb_format_compatible           Y 
_pdbx_database_status.status_code_sf                  ? 
_pdbx_database_status.status_code_mr                  ? 
_pdbx_database_status.status_code_cs                  ? 
_pdbx_database_status.methods_development_category    ? 
_pdbx_database_status.status_code_nmr_data            ? 
# 
loop_
_pdbx_database_related.db_name 
_pdbx_database_related.db_id 
_pdbx_database_related.content_type 
_pdbx_database_related.details 
PDB  1M3I     unspecified            'PERFRINGOLYSIN O, NEW CRYSTAL FORM' 
PDB  1M3J     unspecified            'CRYSTAL FORM II OF PERFRINGOLYSIN O' 
PDB  1PFO     unspecified            'PERFRINGOLYSIN O' 
PDB  2BK1     unspecified            
'THE PORE STRUCTURE OF PNEUMOLYSIN, OBTAINED BY FITTING THE ALPHA CARBON TRACE OF PERFRINGOLYSIN O INTO A CRYO-EM MAP' 
EMDB EMD-1106 'associated EM volume' 'THE PORE STRUCTURE OF PNEUMOLYSIN VOLUME DATA' 
# 
loop_
_audit_author.name 
_audit_author.pdbx_ordinal 
'Tilley, S.J.'    1 
'Orlova, E.V.'    2 
'Gilbert, R.J.C.' 3 
'Andrew, P.W.'    4 
'Saibil, H.R.'    5 
# 
loop_
_citation.id 
_citation.title 
_citation.journal_abbrev 
_citation.journal_volume 
_citation.page_first 
_citation.page_last 
_citation.year 
_citation.journal_id_ASTM 
_citation.country 
_citation.journal_id_ISSN 
_citation.journal_id_CSD 
_citation.book_publisher 
_citation.pdbx_database_id_PubMed 
_citation.pdbx_database_id_DOI 
primary 'Structural Basis of Pore Formation by the Bacterial Toxin Pneumolysin'                          'Cell(Cambridge,Mass.)' 
121 247 ? 2005 CELLB5 US 0092-8674 0998 ? 15851031 10.1016/J.CELL.2005.02.033      
1       'Structure of a Cholesterol-Binding, Thiol-Activated Cytolysin and a Model of its Membrane Form' 'Cell(Cambridge,Mass.)' 
89  685 ? 1997 CELLB5 US 0092-8674 0998 ? 9182756  '10.1016/S0092-8674(00)80251-2' 
# 
loop_
_citation_author.citation_id 
_citation_author.name 
_citation_author.ordinal 
_citation_author.identifier_ORCID 
primary 'Tilley, S.J.'    1  ? 
primary 'Orlova, E.V.'    2  ? 
primary 'Gilbert, R.J.C.' 3  ? 
primary 'Andrew, P.W.'    4  ? 
primary 'Saibil, H.R.'    5  ? 
1       'Rossjohn, J.'    6  ? 
1       'Feil, S.C.'      7  ? 
1       'Mckinstry, W.J.' 8  ? 
1       'Tweten, R.K.'    9  ? 
1       'Parker, M.W.'    10 ? 
# 
_entity.id                         1 
_entity.type                       polymer 
_entity.src_method                 man 
_entity.pdbx_description           'PERFRINGOLYSIN O' 
_entity.formula_weight             50992.805 
_entity.pdbx_number_of_molecules   1 
_entity.pdbx_ec                    ? 
_entity.pdbx_mutation              ? 
_entity.pdbx_fragment              'RESIDUES 36-500' 
_entity.details                    ? 
# 
_entity_name_com.entity_id   1 
_entity_name_com.name        'THETA-TOXIN, THIOL-ACTIVATED CYTOLYSIN' 
# 
_entity_poly.entity_id                      1 
_entity_poly.type                           'polypeptide(L)' 
_entity_poly.nstd_linkage                   no 
_entity_poly.nstd_monomer                   no 
_entity_poly.pdbx_seq_one_letter_code       
;QSIDSGISSLSYNRNEVLASNGDKIESFVPKEGKKAGNKFIVVERQKRSLTTSPVDISIIDSVNDRTYPGALQLADKAFV
ENRPTILMVKRKPININISIKVDDPTYGKVSGAIDELVSKWNEKYSSTHTLPARTQYSESMVYSKSQISSALNVNAKVLE
NSLGVDFNAVANNEKKVMILAYKQIFYTVSADLPKNPSDLFDDSVTFNDLKQKGVSNEAPPLMVSNVAYGRTIYVKLETT
SSSKDVQAAFKALIKNTDIKNSQQYKDIYENSSFTAVVLGGDAQEHNKVVTKDFDEIRKVIKDNATFSTKNPAYPISYTS
VFLKDNSVAAVHNKTDYIETTSTEYSKGKINLDHSGAYVAQFEVAWDEVSYDKEGNEVLTHKTWDGNYQDKTAHYSTVIP
LEANARNIRIKARECTGLAWEWWRDVISEYDVPLTNNINVSIWGTTLYPGSSITYN
;
_entity_poly.pdbx_seq_one_letter_code_can   
;QSIDSGISSLSYNRNEVLASNGDKIESFVPKEGKKAGNKFIVVERQKRSLTTSPVDISIIDSVNDRTYPGALQLADKAFV
ENRPTILMVKRKPININISIKVDDPTYGKVSGAIDELVSKWNEKYSSTHTLPARTQYSESMVYSKSQISSALNVNAKVLE
NSLGVDFNAVANNEKKVMILAYKQIFYTVSADLPKNPSDLFDDSVTFNDLKQKGVSNEAPPLMVSNVAYGRTIYVKLETT
SSSKDVQAAFKALIKNTDIKNSQQYKDIYENSSFTAVVLGGDAQEHNKVVTKDFDEIRKVIKDNATFSTKNPAYPISYTS
VFLKDNSVAAVHNKTDYIETTSTEYSKGKINLDHSGAYVAQFEVAWDEVSYDKEGNEVLTHKTWDGNYQDKTAHYSTVIP
LEANARNIRIKARECTGLAWEWWRDVISEYDVPLTNNINVSIWGTTLYPGSSITYN
;
_entity_poly.pdbx_strand_id                 A 
_entity_poly.pdbx_target_identifier         ? 
# 
loop_
_entity_poly_seq.entity_id 
_entity_poly_seq.num 
_entity_poly_seq.mon_id 
_entity_poly_seq.hetero 
1 1   GLN n 
1 2   SER n 
1 3   ILE n 
1 4   ASP n 
1 5   SER n 
1 6   GLY n 
1 7   ILE n 
1 8   SER n 
1 9   SER n 
1 10  LEU n 
1 11  SER n 
1 12  TYR n 
1 13  ASN n 
1 14  ARG n 
1 15  ASN n 
1 16  GLU n 
1 17  VAL n 
1 18  LEU n 
1 19  ALA n 
1 20  SER n 
1 21  ASN n 
1 22  GLY n 
1 23  ASP n 
1 24  LYS n 
1 25  ILE n 
1 26  GLU n 
1 27  SER n 
1 28  PHE n 
1 29  VAL n 
1 30  PRO n 
1 31  LYS n 
1 32  GLU n 
1 33  GLY n 
1 34  LYS n 
1 35  LYS n 
1 36  ALA n 
1 37  GLY n 
1 38  ASN n 
1 39  LYS n 
1 40  PHE n 
1 41  ILE n 
1 42  VAL n 
1 43  VAL n 
1 44  GLU n 
1 45  ARG n 
1 46  GLN n 
1 47  LYS n 
1 48  ARG n 
1 49  SER n 
1 50  LEU n 
1 51  THR n 
1 52  THR n 
1 53  SER n 
1 54  PRO n 
1 55  VAL n 
1 56  ASP n 
1 57  ILE n 
1 58  SER n 
1 59  ILE n 
1 60  ILE n 
1 61  ASP n 
1 62  SER n 
1 63  VAL n 
1 64  ASN n 
1 65  ASP n 
1 66  ARG n 
1 67  THR n 
1 68  TYR n 
1 69  PRO n 
1 70  GLY n 
1 71  ALA n 
1 72  LEU n 
1 73  GLN n 
1 74  LEU n 
1 75  ALA n 
1 76  ASP n 
1 77  LYS n 
1 78  ALA n 
1 79  PHE n 
1 80  VAL n 
1 81  GLU n 
1 82  ASN n 
1 83  ARG n 
1 84  PRO n 
1 85  THR n 
1 86  ILE n 
1 87  LEU n 
1 88  MET n 
1 89  VAL n 
1 90  LYS n 
1 91  ARG n 
1 92  LYS n 
1 93  PRO n 
1 94  ILE n 
1 95  ASN n 
1 96  ILE n 
1 97  ASN n 
1 98  ILE n 
1 99  SER n 
1 100 ILE n 
1 101 LYS n 
1 102 VAL n 
1 103 ASP n 
1 104 ASP n 
1 105 PRO n 
1 106 THR n 
1 107 TYR n 
1 108 GLY n 
1 109 LYS n 
1 110 VAL n 
1 111 SER n 
1 112 GLY n 
1 113 ALA n 
1 114 ILE n 
1 115 ASP n 
1 116 GLU n 
1 117 LEU n 
1 118 VAL n 
1 119 SER n 
1 120 LYS n 
1 121 TRP n 
1 122 ASN n 
1 123 GLU n 
1 124 LYS n 
1 125 TYR n 
1 126 SER n 
1 127 SER n 
1 128 THR n 
1 129 HIS n 
1 130 THR n 
1 131 LEU n 
1 132 PRO n 
1 133 ALA n 
1 134 ARG n 
1 135 THR n 
1 136 GLN n 
1 137 TYR n 
1 138 SER n 
1 139 GLU n 
1 140 SER n 
1 141 MET n 
1 142 VAL n 
1 143 TYR n 
1 144 SER n 
1 145 LYS n 
1 146 SER n 
1 147 GLN n 
1 148 ILE n 
1 149 SER n 
1 150 SER n 
1 151 ALA n 
1 152 LEU n 
1 153 ASN n 
1 154 VAL n 
1 155 ASN n 
1 156 ALA n 
1 157 LYS n 
1 158 VAL n 
1 159 LEU n 
1 160 GLU n 
1 161 ASN n 
1 162 SER n 
1 163 LEU n 
1 164 GLY n 
1 165 VAL n 
1 166 ASP n 
1 167 PHE n 
1 168 ASN n 
1 169 ALA n 
1 170 VAL n 
1 171 ALA n 
1 172 ASN n 
1 173 ASN n 
1 174 GLU n 
1 175 LYS n 
1 176 LYS n 
1 177 VAL n 
1 178 MET n 
1 179 ILE n 
1 180 LEU n 
1 181 ALA n 
1 182 TYR n 
1 183 LYS n 
1 184 GLN n 
1 185 ILE n 
1 186 PHE n 
1 187 TYR n 
1 188 THR n 
1 189 VAL n 
1 190 SER n 
1 191 ALA n 
1 192 ASP n 
1 193 LEU n 
1 194 PRO n 
1 195 LYS n 
1 196 ASN n 
1 197 PRO n 
1 198 SER n 
1 199 ASP n 
1 200 LEU n 
1 201 PHE n 
1 202 ASP n 
1 203 ASP n 
1 204 SER n 
1 205 VAL n 
1 206 THR n 
1 207 PHE n 
1 208 ASN n 
1 209 ASP n 
1 210 LEU n 
1 211 LYS n 
1 212 GLN n 
1 213 LYS n 
1 214 GLY n 
1 215 VAL n 
1 216 SER n 
1 217 ASN n 
1 218 GLU n 
1 219 ALA n 
1 220 PRO n 
1 221 PRO n 
1 222 LEU n 
1 223 MET n 
1 224 VAL n 
1 225 SER n 
1 226 ASN n 
1 227 VAL n 
1 228 ALA n 
1 229 TYR n 
1 230 GLY n 
1 231 ARG n 
1 232 THR n 
1 233 ILE n 
1 234 TYR n 
1 235 VAL n 
1 236 LYS n 
1 237 LEU n 
1 238 GLU n 
1 239 THR n 
1 240 THR n 
1 241 SER n 
1 242 SER n 
1 243 SER n 
1 244 LYS n 
1 245 ASP n 
1 246 VAL n 
1 247 GLN n 
1 248 ALA n 
1 249 ALA n 
1 250 PHE n 
1 251 LYS n 
1 252 ALA n 
1 253 LEU n 
1 254 ILE n 
1 255 LYS n 
1 256 ASN n 
1 257 THR n 
1 258 ASP n 
1 259 ILE n 
1 260 LYS n 
1 261 ASN n 
1 262 SER n 
1 263 GLN n 
1 264 GLN n 
1 265 TYR n 
1 266 LYS n 
1 267 ASP n 
1 268 ILE n 
1 269 TYR n 
1 270 GLU n 
1 271 ASN n 
1 272 SER n 
1 273 SER n 
1 274 PHE n 
1 275 THR n 
1 276 ALA n 
1 277 VAL n 
1 278 VAL n 
1 279 LEU n 
1 280 GLY n 
1 281 GLY n 
1 282 ASP n 
1 283 ALA n 
1 284 GLN n 
1 285 GLU n 
1 286 HIS n 
1 287 ASN n 
1 288 LYS n 
1 289 VAL n 
1 290 VAL n 
1 291 THR n 
1 292 LYS n 
1 293 ASP n 
1 294 PHE n 
1 295 ASP n 
1 296 GLU n 
1 297 ILE n 
1 298 ARG n 
1 299 LYS n 
1 300 VAL n 
1 301 ILE n 
1 302 LYS n 
1 303 ASP n 
1 304 ASN n 
1 305 ALA n 
1 306 THR n 
1 307 PHE n 
1 308 SER n 
1 309 THR n 
1 310 LYS n 
1 311 ASN n 
1 312 PRO n 
1 313 ALA n 
1 314 TYR n 
1 315 PRO n 
1 316 ILE n 
1 317 SER n 
1 318 TYR n 
1 319 THR n 
1 320 SER n 
1 321 VAL n 
1 322 PHE n 
1 323 LEU n 
1 324 LYS n 
1 325 ASP n 
1 326 ASN n 
1 327 SER n 
1 328 VAL n 
1 329 ALA n 
1 330 ALA n 
1 331 VAL n 
1 332 HIS n 
1 333 ASN n 
1 334 LYS n 
1 335 THR n 
1 336 ASP n 
1 337 TYR n 
1 338 ILE n 
1 339 GLU n 
1 340 THR n 
1 341 THR n 
1 342 SER n 
1 343 THR n 
1 344 GLU n 
1 345 TYR n 
1 346 SER n 
1 347 LYS n 
1 348 GLY n 
1 349 LYS n 
1 350 ILE n 
1 351 ASN n 
1 352 LEU n 
1 353 ASP n 
1 354 HIS n 
1 355 SER n 
1 356 GLY n 
1 357 ALA n 
1 358 TYR n 
1 359 VAL n 
1 360 ALA n 
1 361 GLN n 
1 362 PHE n 
1 363 GLU n 
1 364 VAL n 
1 365 ALA n 
1 366 TRP n 
1 367 ASP n 
1 368 GLU n 
1 369 VAL n 
1 370 SER n 
1 371 TYR n 
1 372 ASP n 
1 373 LYS n 
1 374 GLU n 
1 375 GLY n 
1 376 ASN n 
1 377 GLU n 
1 378 VAL n 
1 379 LEU n 
1 380 THR n 
1 381 HIS n 
1 382 LYS n 
1 383 THR n 
1 384 TRP n 
1 385 ASP n 
1 386 GLY n 
1 387 ASN n 
1 388 TYR n 
1 389 GLN n 
1 390 ASP n 
1 391 LYS n 
1 392 THR n 
1 393 ALA n 
1 394 HIS n 
1 395 TYR n 
1 396 SER n 
1 397 THR n 
1 398 VAL n 
1 399 ILE n 
1 400 PRO n 
1 401 LEU n 
1 402 GLU n 
1 403 ALA n 
1 404 ASN n 
1 405 ALA n 
1 406 ARG n 
1 407 ASN n 
1 408 ILE n 
1 409 ARG n 
1 410 ILE n 
1 411 LYS n 
1 412 ALA n 
1 413 ARG n 
1 414 GLU n 
1 415 CYS n 
1 416 THR n 
1 417 GLY n 
1 418 LEU n 
1 419 ALA n 
1 420 TRP n 
1 421 GLU n 
1 422 TRP n 
1 423 TRP n 
1 424 ARG n 
1 425 ASP n 
1 426 VAL n 
1 427 ILE n 
1 428 SER n 
1 429 GLU n 
1 430 TYR n 
1 431 ASP n 
1 432 VAL n 
1 433 PRO n 
1 434 LEU n 
1 435 THR n 
1 436 ASN n 
1 437 ASN n 
1 438 ILE n 
1 439 ASN n 
1 440 VAL n 
1 441 SER n 
1 442 ILE n 
1 443 TRP n 
1 444 GLY n 
1 445 THR n 
1 446 THR n 
1 447 LEU n 
1 448 TYR n 
1 449 PRO n 
1 450 GLY n 
1 451 SER n 
1 452 SER n 
1 453 ILE n 
1 454 THR n 
1 455 TYR n 
1 456 ASN n 
# 
_entity_src_gen.entity_id                          1 
_entity_src_gen.pdbx_src_id                        1 
_entity_src_gen.pdbx_alt_source_flag               sample 
_entity_src_gen.pdbx_seq_type                      ? 
_entity_src_gen.pdbx_beg_seq_num                   ? 
_entity_src_gen.pdbx_end_seq_num                   ? 
_entity_src_gen.gene_src_common_name               ? 
_entity_src_gen.gene_src_genus                     ? 
_entity_src_gen.pdbx_gene_src_gene                 ? 
_entity_src_gen.gene_src_species                   ? 
_entity_src_gen.gene_src_strain                    ? 
_entity_src_gen.gene_src_tissue                    ? 
_entity_src_gen.gene_src_tissue_fraction           ? 
_entity_src_gen.gene_src_details                   ? 
_entity_src_gen.pdbx_gene_src_fragment             ? 
_entity_src_gen.pdbx_gene_src_scientific_name      'CLOSTRIDIUM PERFRINGENS' 
_entity_src_gen.pdbx_gene_src_ncbi_taxonomy_id     1502 
_entity_src_gen.pdbx_gene_src_variant              ? 
_entity_src_gen.pdbx_gene_src_cell_line            ? 
_entity_src_gen.pdbx_gene_src_atcc                 ? 
_entity_src_gen.pdbx_gene_src_organ                ? 
_entity_src_gen.pdbx_gene_src_organelle            ? 
_entity_src_gen.pdbx_gene_src_cell                 ? 
_entity_src_gen.pdbx_gene_src_cellular_location    ? 
_entity_src_gen.host_org_common_name               ? 
_entity_src_gen.pdbx_host_org_scientific_name      'ESCHERICHIA COLI' 
_entity_src_gen.pdbx_host_org_ncbi_taxonomy_id     562 
_entity_src_gen.host_org_genus                     ? 
_entity_src_gen.pdbx_host_org_gene                 ? 
_entity_src_gen.pdbx_host_org_organ                ? 
_entity_src_gen.host_org_species                   ? 
_entity_src_gen.pdbx_host_org_tissue               ? 
_entity_src_gen.pdbx_host_org_tissue_fraction      ? 
_entity_src_gen.pdbx_host_org_strain               ? 
_entity_src_gen.pdbx_host_org_variant              ? 
_entity_src_gen.pdbx_host_org_cell_line            ? 
_entity_src_gen.pdbx_host_org_atcc                 ? 
_entity_src_gen.pdbx_host_org_culture_collection   ? 
_entity_src_gen.pdbx_host_org_cell                 ? 
_entity_src_gen.pdbx_host_org_organelle            ? 
_entity_src_gen.pdbx_host_org_cellular_location    ? 
_entity_src_gen.pdbx_host_org_vector_type          ? 
_entity_src_gen.pdbx_host_org_vector               ? 
_entity_src_gen.host_org_details                   ? 
_entity_src_gen.expression_system_id               ? 
_entity_src_gen.plasmid_name                       ? 
_entity_src_gen.plasmid_details                    ? 
_entity_src_gen.pdbx_description                   ? 
# 
loop_
_chem_comp.id 
_chem_comp.type 
_chem_comp.mon_nstd_flag 
_chem_comp.name 
_chem_comp.pdbx_synonyms 
_chem_comp.formula 
_chem_comp.formula_weight 
ALA 'L-peptide linking' y ALANINE         ? 'C3 H7 N O2'     89.093  
ARG 'L-peptide linking' y ARGININE        ? 'C6 H15 N4 O2 1' 175.209 
ASN 'L-peptide linking' y ASPARAGINE      ? 'C4 H8 N2 O3'    132.118 
ASP 'L-peptide linking' y 'ASPARTIC ACID' ? 'C4 H7 N O4'     133.103 
CYS 'L-peptide linking' y CYSTEINE        ? 'C3 H7 N O2 S'   121.158 
GLN 'L-peptide linking' y GLUTAMINE       ? 'C5 H10 N2 O3'   146.144 
GLU 'L-peptide linking' y 'GLUTAMIC ACID' ? 'C5 H9 N O4'     147.129 
GLY 'peptide linking'   y GLYCINE         ? 'C2 H5 N O2'     75.067  
HIS 'L-peptide linking' y HISTIDINE       ? 'C6 H10 N3 O2 1' 156.162 
ILE 'L-peptide linking' y ISOLEUCINE      ? 'C6 H13 N O2'    131.173 
LEU 'L-peptide linking' y LEUCINE         ? 'C6 H13 N O2'    131.173 
LYS 'L-peptide linking' y LYSINE          ? 'C6 H15 N2 O2 1' 147.195 
MET 'L-peptide linking' y METHIONINE      ? 'C5 H11 N O2 S'  149.211 
PHE 'L-peptide linking' y PHENYLALANINE   ? 'C9 H11 N O2'    165.189 
PRO 'L-peptide linking' y PROLINE         ? 'C5 H9 N O2'     115.130 
SER 'L-peptide linking' y SERINE          ? 'C3 H7 N O3'     105.093 
THR 'L-peptide linking' y THREONINE       ? 'C4 H9 N O3'     119.119 
TRP 'L-peptide linking' y TRYPTOPHAN      ? 'C11 H12 N2 O2'  204.225 
TYR 'L-peptide linking' y TYROSINE        ? 'C9 H11 N O3'    181.189 
VAL 'L-peptide linking' y VALINE          ? 'C5 H11 N O2'    117.146 
# 
loop_
_pdbx_poly_seq_scheme.asym_id 
_pdbx_poly_seq_scheme.entity_id 
_pdbx_poly_seq_scheme.seq_id 
_pdbx_poly_seq_scheme.mon_id 
_pdbx_poly_seq_scheme.ndb_seq_num 
_pdbx_poly_seq_scheme.pdb_seq_num 
_pdbx_poly_seq_scheme.auth_seq_num 
_pdbx_poly_seq_scheme.pdb_mon_id 
_pdbx_poly_seq_scheme.auth_mon_id 
_pdbx_poly_seq_scheme.pdb_strand_id 
_pdbx_poly_seq_scheme.pdb_ins_code 
_pdbx_poly_seq_scheme.hetero 
A 1 1   GLN 1   36  36  GLN GLN A . n 
A 1 2   SER 2   37  37  SER SER A . n 
A 1 3   ILE 3   38  38  ILE ILE A . n 
A 1 4   ASP 4   39  39  ASP ASP A . n 
A 1 5   SER 5   40  40  SER SER A . n 
A 1 6   GLY 6   41  41  GLY GLY A . n 
A 1 7   ILE 7   42  42  ILE ILE A . n 
A 1 8   SER 8   43  43  SER SER A . n 
A 1 9   SER 9   44  44  SER SER A . n 
A 1 10  LEU 10  45  45  LEU LEU A . n 
A 1 11  SER 11  46  46  SER SER A . n 
A 1 12  TYR 12  47  47  TYR TYR A . n 
A 1 13  ASN 13  48  48  ASN ASN A . n 
A 1 14  ARG 14  49  49  ARG ARG A . n 
A 1 15  ASN 15  50  50  ASN ASN A . n 
A 1 16  GLU 16  51  51  GLU GLU A . n 
A 1 17  VAL 17  52  52  VAL VAL A . n 
A 1 18  LEU 18  53  53  LEU LEU A . n 
A 1 19  ALA 19  54  54  ALA ALA A . n 
A 1 20  SER 20  55  55  SER SER A . n 
A 1 21  ASN 21  56  56  ASN ASN A . n 
A 1 22  GLY 22  57  57  GLY GLY A . n 
A 1 23  ASP 23  58  58  ASP ASP A . n 
A 1 24  LYS 24  59  59  LYS LYS A . n 
A 1 25  ILE 25  60  60  ILE ILE A . n 
A 1 26  GLU 26  61  61  GLU GLU A . n 
A 1 27  SER 27  62  62  SER SER A . n 
A 1 28  PHE 28  63  63  PHE PHE A . n 
A 1 29  VAL 29  64  64  VAL VAL A . n 
A 1 30  PRO 30  65  65  PRO PRO A . n 
A 1 31  LYS 31  66  66  LYS LYS A . n 
A 1 32  GLU 32  67  67  GLU GLU A . n 
A 1 33  GLY 33  68  68  GLY GLY A . n 
A 1 34  LYS 34  69  69  LYS LYS A . n 
A 1 35  LYS 35  70  70  LYS LYS A . n 
A 1 36  ALA 36  71  71  ALA ALA A . n 
A 1 37  GLY 37  72  72  GLY GLY A . n 
A 1 38  ASN 38  73  73  ASN ASN A . n 
A 1 39  LYS 39  74  74  LYS LYS A . n 
A 1 40  PHE 40  75  75  PHE PHE A . n 
A 1 41  ILE 41  76  76  ILE ILE A . n 
A 1 42  VAL 42  77  77  VAL VAL A . n 
A 1 43  VAL 43  78  78  VAL VAL A . n 
A 1 44  GLU 44  79  79  GLU GLU A . n 
A 1 45  ARG 45  80  80  ARG ARG A . n 
A 1 46  GLN 46  81  81  GLN GLN A . n 
A 1 47  LYS 47  82  82  LYS LYS A . n 
A 1 48  ARG 48  83  83  ARG ARG A . n 
A 1 49  SER 49  84  84  SER SER A . n 
A 1 50  LEU 50  85  85  LEU LEU A . n 
A 1 51  THR 51  86  86  THR THR A . n 
A 1 52  THR 52  87  87  THR THR A . n 
A 1 53  SER 53  88  88  SER SER A . n 
A 1 54  PRO 54  89  89  PRO PRO A . n 
A 1 55  VAL 55  90  90  VAL VAL A . n 
A 1 56  ASP 56  91  91  ASP ASP A . n 
A 1 57  ILE 57  92  92  ILE ILE A . n 
A 1 58  SER 58  93  93  SER SER A . n 
A 1 59  ILE 59  94  94  ILE ILE A . n 
A 1 60  ILE 60  95  95  ILE ILE A . n 
A 1 61  ASP 61  96  96  ASP ASP A . n 
A 1 62  SER 62  97  97  SER SER A . n 
A 1 63  VAL 63  98  98  VAL VAL A . n 
A 1 64  ASN 64  99  99  ASN ASN A . n 
A 1 65  ASP 65  100 100 ASP ASP A . n 
A 1 66  ARG 66  101 101 ARG ARG A . n 
A 1 67  THR 67  102 102 THR THR A . n 
A 1 68  TYR 68  103 103 TYR TYR A . n 
A 1 69  PRO 69  104 104 PRO PRO A . n 
A 1 70  GLY 70  105 105 GLY GLY A . n 
A 1 71  ALA 71  106 106 ALA ALA A . n 
A 1 72  LEU 72  107 107 LEU LEU A . n 
A 1 73  GLN 73  108 108 GLN GLN A . n 
A 1 74  LEU 74  109 109 LEU LEU A . n 
A 1 75  ALA 75  110 110 ALA ALA A . n 
A 1 76  ASP 76  111 111 ASP ASP A . n 
A 1 77  LYS 77  112 112 LYS LYS A . n 
A 1 78  ALA 78  113 113 ALA ALA A . n 
A 1 79  PHE 79  114 114 PHE PHE A . n 
A 1 80  VAL 80  115 115 VAL VAL A . n 
A 1 81  GLU 81  116 116 GLU GLU A . n 
A 1 82  ASN 82  117 117 ASN ASN A . n 
A 1 83  ARG 83  118 118 ARG ARG A . n 
A 1 84  PRO 84  119 119 PRO PRO A . n 
A 1 85  THR 85  120 120 THR THR A . n 
A 1 86  ILE 86  121 121 ILE ILE A . n 
A 1 87  LEU 87  122 122 LEU LEU A . n 
A 1 88  MET 88  123 123 MET MET A . n 
A 1 89  VAL 89  124 124 VAL VAL A . n 
A 1 90  LYS 90  125 125 LYS LYS A . n 
A 1 91  ARG 91  126 126 ARG ARG A . n 
A 1 92  LYS 92  127 127 LYS LYS A . n 
A 1 93  PRO 93  128 128 PRO PRO A . n 
A 1 94  ILE 94  129 129 ILE ILE A . n 
A 1 95  ASN 95  130 130 ASN ASN A . n 
A 1 96  ILE 96  131 131 ILE ILE A . n 
A 1 97  ASN 97  132 132 ASN ASN A . n 
A 1 98  ILE 98  133 133 ILE ILE A . n 
A 1 99  SER 99  143 143 SER SER A . n 
A 1 100 ILE 100 144 144 ILE ILE A . n 
A 1 101 LYS 101 145 145 LYS LYS A . n 
A 1 102 VAL 102 146 146 VAL VAL A . n 
A 1 103 ASP 103 147 147 ASP ASP A . n 
A 1 104 ASP 104 148 148 ASP ASP A . n 
A 1 105 PRO 105 149 149 PRO PRO A . n 
A 1 106 THR 106 150 150 THR THR A . n 
A 1 107 TYR 107 151 151 TYR TYR A . n 
A 1 108 GLY 108 152 152 GLY GLY A . n 
A 1 109 LYS 109 153 153 LYS LYS A . n 
A 1 110 VAL 110 154 154 VAL VAL A . n 
A 1 111 SER 111 155 155 SER SER A . n 
A 1 112 GLY 112 156 156 GLY GLY A . n 
A 1 113 ALA 113 157 157 ALA ALA A . n 
A 1 114 ILE 114 158 158 ILE ILE A . n 
A 1 115 ASP 115 159 159 ASP ASP A . n 
A 1 116 GLU 116 160 160 GLU GLU A . n 
A 1 117 LEU 117 161 161 LEU LEU A . n 
A 1 118 VAL 118 162 162 VAL VAL A . n 
A 1 119 SER 119 163 163 SER SER A . n 
A 1 120 LYS 120 164 164 LYS LYS A . n 
A 1 121 TRP 121 165 165 TRP TRP A . n 
A 1 122 ASN 122 166 166 ASN ASN A . n 
A 1 123 GLU 123 167 167 GLU GLU A . n 
A 1 124 LYS 124 168 168 LYS LYS A . n 
A 1 125 TYR 125 169 169 TYR TYR A . n 
A 1 126 SER 126 170 170 SER SER A . n 
A 1 127 SER 127 171 171 SER SER A . n 
A 1 128 THR 128 172 172 THR THR A . n 
A 1 129 HIS 129 173 173 HIS HIS A . n 
A 1 130 THR 130 174 174 THR THR A . n 
A 1 131 LEU 131 175 175 LEU LEU A . n 
A 1 132 PRO 132 176 176 PRO PRO A . n 
A 1 133 ALA 133 177 177 ALA ALA A . n 
A 1 134 ARG 134 178 178 ARG ARG A . n 
A 1 135 THR 135 179 179 THR THR A . n 
A 1 136 GLN 136 180 180 GLN GLN A . n 
A 1 137 TYR 137 181 181 TYR TYR A . n 
A 1 138 SER 138 182 182 SER SER A . n 
A 1 139 GLU 139 183 183 GLU GLU A . n 
A 1 140 SER 140 184 184 SER SER A . n 
A 1 141 MET 141 185 185 MET MET A . n 
A 1 142 VAL 142 186 186 VAL VAL A . n 
A 1 143 TYR 143 187 187 TYR TYR A . n 
A 1 144 SER 144 188 188 SER SER A . n 
A 1 145 LYS 145 189 189 LYS LYS A . n 
A 1 146 SER 146 190 190 SER SER A . n 
A 1 147 GLN 147 191 191 GLN GLN A . n 
A 1 148 ILE 148 192 192 ILE ILE A . n 
A 1 149 SER 149 193 193 SER SER A . n 
A 1 150 SER 150 194 194 SER SER A . n 
A 1 151 ALA 151 195 195 ALA ALA A . n 
A 1 152 LEU 152 196 196 LEU LEU A . n 
A 1 153 ASN 153 197 197 ASN ASN A . n 
A 1 154 VAL 154 198 198 VAL VAL A . n 
A 1 155 ASN 155 199 199 ASN ASN A . n 
A 1 156 ALA 156 200 200 ALA ALA A . n 
A 1 157 LYS 157 201 201 LYS LYS A . n 
A 1 158 VAL 158 202 202 VAL VAL A . n 
A 1 159 LEU 159 203 203 LEU LEU A . n 
A 1 160 GLU 160 204 204 GLU GLU A . n 
A 1 161 ASN 161 205 205 ASN ASN A . n 
A 1 162 SER 162 206 206 SER SER A . n 
A 1 163 LEU 163 207 207 LEU LEU A . n 
A 1 164 GLY 164 208 208 GLY GLY A . n 
A 1 165 VAL 165 209 209 VAL VAL A . n 
A 1 166 ASP 166 210 210 ASP ASP A . n 
A 1 167 PHE 167 211 211 PHE PHE A . n 
A 1 168 ASN 168 212 212 ASN ASN A . n 
A 1 169 ALA 169 213 213 ALA ALA A . n 
A 1 170 VAL 170 214 214 VAL VAL A . n 
A 1 171 ALA 171 215 215 ALA ALA A . n 
A 1 172 ASN 172 216 216 ASN ASN A . n 
A 1 173 ASN 173 217 217 ASN ASN A . n 
A 1 174 GLU 174 218 218 GLU GLU A . n 
A 1 175 LYS 175 219 219 LYS LYS A . n 
A 1 176 LYS 176 220 220 LYS LYS A . n 
A 1 177 VAL 177 221 221 VAL VAL A . n 
A 1 178 MET 178 222 222 MET MET A . n 
A 1 179 ILE 179 223 223 ILE ILE A . n 
A 1 180 LEU 180 224 224 LEU LEU A . n 
A 1 181 ALA 181 225 225 ALA ALA A . n 
A 1 182 TYR 182 226 226 TYR TYR A . n 
A 1 183 LYS 183 227 227 LYS LYS A . n 
A 1 184 GLN 184 228 228 GLN GLN A . n 
A 1 185 ILE 185 229 229 ILE ILE A . n 
A 1 186 PHE 186 230 230 PHE PHE A . n 
A 1 187 TYR 187 231 231 TYR TYR A . n 
A 1 188 THR 188 232 232 THR THR A . n 
A 1 189 VAL 189 233 233 VAL VAL A . n 
A 1 190 SER 190 234 234 SER SER A . n 
A 1 191 ALA 191 235 235 ALA ALA A . n 
A 1 192 ASP 192 236 236 ASP ASP A . n 
A 1 193 LEU 193 237 237 LEU LEU A . n 
A 1 194 PRO 194 238 238 PRO PRO A . n 
A 1 195 LYS 195 239 239 LYS LYS A . n 
A 1 196 ASN 196 240 240 ASN ASN A . n 
A 1 197 PRO 197 241 241 PRO PRO A . n 
A 1 198 SER 198 242 242 SER SER A . n 
A 1 199 ASP 199 243 243 ASP ASP A . n 
A 1 200 LEU 200 244 244 LEU LEU A . n 
A 1 201 PHE 201 245 245 PHE PHE A . n 
A 1 202 ASP 202 246 246 ASP ASP A . n 
A 1 203 ASP 203 247 247 ASP ASP A . n 
A 1 204 SER 204 248 248 SER SER A . n 
A 1 205 VAL 205 249 249 VAL VAL A . n 
A 1 206 THR 206 250 250 THR THR A . n 
A 1 207 PHE 207 251 251 PHE PHE A . n 
A 1 208 ASN 208 252 252 ASN ASN A . n 
A 1 209 ASP 209 253 253 ASP ASP A . n 
A 1 210 LEU 210 254 254 LEU LEU A . n 
A 1 211 LYS 211 255 255 LYS LYS A . n 
A 1 212 GLN 212 256 256 GLN GLN A . n 
A 1 213 LYS 213 257 257 LYS LYS A . n 
A 1 214 GLY 214 258 258 GLY GLY A . n 
A 1 215 VAL 215 259 259 VAL VAL A . n 
A 1 216 SER 216 260 260 SER SER A . n 
A 1 217 ASN 217 261 261 ASN ASN A . n 
A 1 218 GLU 218 262 262 GLU GLU A . n 
A 1 219 ALA 219 263 263 ALA ALA A . n 
A 1 220 PRO 220 264 264 PRO PRO A . n 
A 1 221 PRO 221 265 265 PRO PRO A . n 
A 1 222 LEU 222 266 266 LEU LEU A . n 
A 1 223 MET 223 267 267 MET MET A . n 
A 1 224 VAL 224 268 268 VAL VAL A . n 
A 1 225 SER 225 269 269 SER SER A . n 
A 1 226 ASN 226 270 270 ASN ASN A . n 
A 1 227 VAL 227 271 271 VAL VAL A . n 
A 1 228 ALA 228 272 272 ALA ALA A . n 
A 1 229 TYR 229 273 273 TYR TYR A . n 
A 1 230 GLY 230 274 274 GLY GLY A . n 
A 1 231 ARG 231 275 275 ARG ARG A . n 
A 1 232 THR 232 276 276 THR THR A . n 
A 1 233 ILE 233 277 277 ILE ILE A . n 
A 1 234 TYR 234 278 278 TYR TYR A . n 
A 1 235 VAL 235 279 279 VAL VAL A . n 
A 1 236 LYS 236 280 280 LYS LYS A . n 
A 1 237 LEU 237 281 281 LEU LEU A . n 
A 1 238 GLU 238 282 282 GLU GLU A . n 
A 1 239 THR 239 283 283 THR THR A . n 
A 1 240 THR 240 284 284 THR THR A . n 
A 1 241 SER 241 285 285 SER SER A . n 
A 1 242 SER 242 286 286 SER SER A . n 
A 1 243 SER 243 287 287 SER SER A . n 
A 1 244 LYS 244 288 288 LYS LYS A . n 
A 1 245 ASP 245 289 289 ASP ASP A . n 
A 1 246 VAL 246 290 290 VAL VAL A . n 
A 1 247 GLN 247 291 291 GLN GLN A . n 
A 1 248 ALA 248 292 292 ALA ALA A . n 
A 1 249 ALA 249 293 293 ALA ALA A . n 
A 1 250 PHE 250 294 294 PHE PHE A . n 
A 1 251 LYS 251 295 295 LYS LYS A . n 
A 1 252 ALA 252 296 296 ALA ALA A . n 
A 1 253 LEU 253 297 297 LEU LEU A . n 
A 1 254 ILE 254 298 298 ILE ILE A . n 
A 1 255 LYS 255 299 299 LYS LYS A . n 
A 1 256 ASN 256 300 300 ASN ASN A . n 
A 1 257 THR 257 301 301 THR THR A . n 
A 1 258 ASP 258 302 302 ASP ASP A . n 
A 1 259 ILE 259 303 303 ILE ILE A . n 
A 1 260 LYS 260 304 304 LYS LYS A . n 
A 1 261 ASN 261 305 305 ASN ASN A . n 
A 1 262 SER 262 306 306 SER SER A . n 
A 1 263 GLN 263 307 307 GLN GLN A . n 
A 1 264 GLN 264 308 308 GLN GLN A . n 
A 1 265 TYR 265 309 309 TYR TYR A . n 
A 1 266 LYS 266 310 310 LYS LYS A . n 
A 1 267 ASP 267 311 311 ASP ASP A . n 
A 1 268 ILE 268 312 312 ILE ILE A . n 
A 1 269 TYR 269 313 313 TYR TYR A . n 
A 1 270 GLU 270 314 314 GLU GLU A . n 
A 1 271 ASN 271 315 315 ASN ASN A . n 
A 1 272 SER 272 316 316 SER SER A . n 
A 1 273 SER 273 317 317 SER SER A . n 
A 1 274 PHE 274 318 318 PHE PHE A . n 
A 1 275 THR 275 319 319 THR THR A . n 
A 1 276 ALA 276 320 320 ALA ALA A . n 
A 1 277 VAL 277 321 321 VAL VAL A . n 
A 1 278 VAL 278 322 322 VAL VAL A . n 
A 1 279 LEU 279 323 323 LEU LEU A . n 
A 1 280 GLY 280 324 324 GLY GLY A . n 
A 1 281 GLY 281 325 325 GLY GLY A . n 
A 1 282 ASP 282 326 326 ASP ASP A . n 
A 1 283 ALA 283 327 327 ALA ALA A . n 
A 1 284 GLN 284 328 328 GLN GLN A . n 
A 1 285 GLU 285 329 329 GLU GLU A . n 
A 1 286 HIS 286 330 330 HIS HIS A . n 
A 1 287 ASN 287 331 331 ASN ASN A . n 
A 1 288 LYS 288 332 332 LYS LYS A . n 
A 1 289 VAL 289 333 333 VAL VAL A . n 
A 1 290 VAL 290 334 334 VAL VAL A . n 
A 1 291 THR 291 335 335 THR THR A . n 
A 1 292 LYS 292 336 336 LYS LYS A . n 
A 1 293 ASP 293 337 337 ASP ASP A . n 
A 1 294 PHE 294 338 338 PHE PHE A . n 
A 1 295 ASP 295 339 339 ASP ASP A . n 
A 1 296 GLU 296 340 340 GLU GLU A . n 
A 1 297 ILE 297 341 341 ILE ILE A . n 
A 1 298 ARG 298 342 342 ARG ARG A . n 
A 1 299 LYS 299 343 343 LYS LYS A . n 
A 1 300 VAL 300 344 344 VAL VAL A . n 
A 1 301 ILE 301 345 345 ILE ILE A . n 
A 1 302 LYS 302 346 346 LYS LYS A . n 
A 1 303 ASP 303 347 347 ASP ASP A . n 
A 1 304 ASN 304 348 348 ASN ASN A . n 
A 1 305 ALA 305 349 349 ALA ALA A . n 
A 1 306 THR 306 350 350 THR THR A . n 
A 1 307 PHE 307 351 351 PHE PHE A . n 
A 1 308 SER 308 352 352 SER SER A . n 
A 1 309 THR 309 353 353 THR THR A . n 
A 1 310 LYS 310 354 354 LYS LYS A . n 
A 1 311 ASN 311 355 355 ASN ASN A . n 
A 1 312 PRO 312 356 356 PRO PRO A . n 
A 1 313 ALA 313 357 357 ALA ALA A . n 
A 1 314 TYR 314 358 358 TYR TYR A . n 
A 1 315 PRO 315 359 359 PRO PRO A . n 
A 1 316 ILE 316 360 360 ILE ILE A . n 
A 1 317 SER 317 361 361 SER SER A . n 
A 1 318 TYR 318 362 362 TYR TYR A . n 
A 1 319 THR 319 363 363 THR THR A . n 
A 1 320 SER 320 364 364 SER SER A . n 
A 1 321 VAL 321 365 365 VAL VAL A . n 
A 1 322 PHE 322 366 366 PHE PHE A . n 
A 1 323 LEU 323 367 367 LEU LEU A . n 
A 1 324 LYS 324 368 368 LYS LYS A . n 
A 1 325 ASP 325 369 369 ASP ASP A . n 
A 1 326 ASN 326 370 370 ASN ASN A . n 
A 1 327 SER 327 371 371 SER SER A . n 
A 1 328 VAL 328 372 372 VAL VAL A . n 
A 1 329 ALA 329 373 373 ALA ALA A . n 
A 1 330 ALA 330 374 374 ALA ALA A . n 
A 1 331 VAL 331 375 375 VAL VAL A . n 
A 1 332 HIS 332 376 376 HIS HIS A . n 
A 1 333 ASN 333 377 377 ASN ASN A . n 
A 1 334 LYS 334 378 378 LYS LYS A . n 
A 1 335 THR 335 379 379 THR THR A . n 
A 1 336 ASP 336 380 380 ASP ASP A . n 
A 1 337 TYR 337 381 381 TYR TYR A . n 
A 1 338 ILE 338 382 382 ILE ILE A . n 
A 1 339 GLU 339 383 383 GLU GLU A . n 
A 1 340 THR 340 384 384 THR THR A . n 
A 1 341 THR 341 385 385 THR THR A . n 
A 1 342 SER 342 386 386 SER SER A . n 
A 1 343 THR 343 387 387 THR THR A . n 
A 1 344 GLU 344 388 388 GLU GLU A . n 
A 1 345 TYR 345 389 389 TYR TYR A . n 
A 1 346 SER 346 390 390 SER SER A . n 
A 1 347 LYS 347 391 391 LYS LYS A . n 
A 1 348 GLY 348 392 392 GLY GLY A . n 
A 1 349 LYS 349 393 393 LYS LYS A . n 
A 1 350 ILE 350 394 394 ILE ILE A . n 
A 1 351 ASN 351 395 395 ASN ASN A . n 
A 1 352 LEU 352 396 396 LEU LEU A . n 
A 1 353 ASP 353 397 397 ASP ASP A . n 
A 1 354 HIS 354 398 398 HIS HIS A . n 
A 1 355 SER 355 399 399 SER SER A . n 
A 1 356 GLY 356 400 400 GLY GLY A . n 
A 1 357 ALA 357 401 401 ALA ALA A . n 
A 1 358 TYR 358 402 402 TYR TYR A . n 
A 1 359 VAL 359 403 403 VAL VAL A . n 
A 1 360 ALA 360 404 404 ALA ALA A . n 
A 1 361 GLN 361 405 405 GLN GLN A . n 
A 1 362 PHE 362 406 406 PHE PHE A . n 
A 1 363 GLU 363 407 407 GLU GLU A . n 
A 1 364 VAL 364 408 408 VAL VAL A . n 
A 1 365 ALA 365 409 409 ALA ALA A . n 
A 1 366 TRP 366 410 410 TRP TRP A . n 
A 1 367 ASP 367 411 411 ASP ASP A . n 
A 1 368 GLU 368 412 412 GLU GLU A . n 
A 1 369 VAL 369 413 413 VAL VAL A . n 
A 1 370 SER 370 414 414 SER SER A . n 
A 1 371 TYR 371 415 415 TYR TYR A . n 
A 1 372 ASP 372 416 416 ASP ASP A . n 
A 1 373 LYS 373 417 417 LYS LYS A . n 
A 1 374 GLU 374 418 418 GLU GLU A . n 
A 1 375 GLY 375 419 419 GLY GLY A . n 
A 1 376 ASN 376 420 420 ASN ASN A . n 
A 1 377 GLU 377 421 421 GLU GLU A . n 
A 1 378 VAL 378 422 422 VAL VAL A . n 
A 1 379 LEU 379 423 423 LEU LEU A . n 
A 1 380 THR 380 424 424 THR THR A . n 
A 1 381 HIS 381 425 425 HIS HIS A . n 
A 1 382 LYS 382 426 426 LYS LYS A . n 
A 1 383 THR 383 427 427 THR THR A . n 
A 1 384 TRP 384 428 428 TRP TRP A . n 
A 1 385 ASP 385 429 429 ASP ASP A . n 
A 1 386 GLY 386 430 430 GLY GLY A . n 
A 1 387 ASN 387 431 431 ASN ASN A . n 
A 1 388 TYR 388 432 432 TYR TYR A . n 
A 1 389 GLN 389 433 433 GLN GLN A . n 
A 1 390 ASP 390 434 434 ASP ASP A . n 
A 1 391 LYS 391 435 435 LYS LYS A . n 
A 1 392 THR 392 436 436 THR THR A . n 
A 1 393 ALA 393 437 437 ALA ALA A . n 
A 1 394 HIS 394 438 438 HIS HIS A . n 
A 1 395 TYR 395 439 439 TYR TYR A . n 
A 1 396 SER 396 440 440 SER SER A . n 
A 1 397 THR 397 441 441 THR THR A . n 
A 1 398 VAL 398 442 442 VAL VAL A . n 
A 1 399 ILE 399 443 443 ILE ILE A . n 
A 1 400 PRO 400 444 444 PRO PRO A . n 
A 1 401 LEU 401 445 445 LEU LEU A . n 
A 1 402 GLU 402 446 446 GLU GLU A . n 
A 1 403 ALA 403 447 447 ALA ALA A . n 
A 1 404 ASN 404 448 448 ASN ASN A . n 
A 1 405 ALA 405 449 449 ALA ALA A . n 
A 1 406 ARG 406 450 450 ARG ARG A . n 
A 1 407 ASN 407 451 451 ASN ASN A . n 
A 1 408 ILE 408 452 452 ILE ILE A . n 
A 1 409 ARG 409 453 453 ARG ARG A . n 
A 1 410 ILE 410 454 454 ILE ILE A . n 
A 1 411 LYS 411 455 455 LYS LYS A . n 
A 1 412 ALA 412 456 456 ALA ALA A . n 
A 1 413 ARG 413 457 457 ARG ARG A . n 
A 1 414 GLU 414 458 458 GLU GLU A . n 
A 1 415 CYS 415 459 459 CYS CYS A . n 
A 1 416 THR 416 460 460 THR THR A . n 
A 1 417 GLY 417 461 461 GLY GLY A . n 
A 1 418 LEU 418 462 462 LEU LEU A . n 
A 1 419 ALA 419 463 463 ALA ALA A . n 
A 1 420 TRP 420 464 464 TRP TRP A . n 
A 1 421 GLU 421 465 465 GLU GLU A . n 
A 1 422 TRP 422 466 466 TRP TRP A . n 
A 1 423 TRP 423 467 467 TRP TRP A . n 
A 1 424 ARG 424 468 468 ARG ARG A . n 
A 1 425 ASP 425 469 469 ASP ASP A . n 
A 1 426 VAL 426 470 470 VAL VAL A . n 
A 1 427 ILE 427 471 471 ILE ILE A . n 
A 1 428 SER 428 472 472 SER SER A . n 
A 1 429 GLU 429 473 473 GLU GLU A . n 
A 1 430 TYR 430 474 474 TYR TYR A . n 
A 1 431 ASP 431 475 475 ASP ASP A . n 
A 1 432 VAL 432 476 476 VAL VAL A . n 
A 1 433 PRO 433 477 477 PRO PRO A . n 
A 1 434 LEU 434 478 478 LEU LEU A . n 
A 1 435 THR 435 479 479 THR THR A . n 
A 1 436 ASN 436 480 480 ASN ASN A . n 
A 1 437 ASN 437 481 481 ASN ASN A . n 
A 1 438 ILE 438 482 482 ILE ILE A . n 
A 1 439 ASN 439 483 483 ASN ASN A . n 
A 1 440 VAL 440 484 484 VAL VAL A . n 
A 1 441 SER 441 485 485 SER SER A . n 
A 1 442 ILE 442 486 486 ILE ILE A . n 
A 1 443 TRP 443 487 487 TRP TRP A . n 
A 1 444 GLY 444 488 488 GLY GLY A . n 
A 1 445 THR 445 489 489 THR THR A . n 
A 1 446 THR 446 490 490 THR THR A . n 
A 1 447 LEU 447 491 491 LEU LEU A . n 
A 1 448 TYR 448 492 492 TYR TYR A . n 
A 1 449 PRO 449 493 493 PRO PRO A . n 
A 1 450 GLY 450 494 494 GLY GLY A . n 
A 1 451 SER 451 495 495 SER SER A . n 
A 1 452 SER 452 496 496 SER SER A . n 
A 1 453 ILE 453 497 497 ILE ILE A . n 
A 1 454 THR 454 498 498 THR THR A . n 
A 1 455 TYR 455 499 499 TYR TYR A . n 
A 1 456 ASN 456 500 500 ASN ASN A . n 
# 
_cell.entry_id           2BK2 
_cell.length_a           1.000 
_cell.length_b           1.000 
_cell.length_c           1.000 
_cell.angle_alpha        90.00 
_cell.angle_beta         90.00 
_cell.angle_gamma        90.00 
_cell.Z_PDB              1 
_cell.pdbx_unique_axis   ? 
# 
_symmetry.entry_id                         2BK2 
_symmetry.space_group_name_H-M             'P 1' 
_symmetry.pdbx_full_space_group_name_H-M   ? 
_symmetry.cell_setting                     ? 
_symmetry.Int_Tables_number                1 
# 
_exptl.entry_id          2BK2 
_exptl.method            'ELECTRON MICROSCOPY' 
_exptl.crystals_number   ? 
# 
_exptl_crystal.id                    1 
_exptl_crystal.density_meas          ? 
_exptl_crystal.density_Matthews      ? 
_exptl_crystal.density_percent_sol   ? 
_exptl_crystal.description           ? 
# 
_diffrn.id                     1 
_diffrn.ambient_temp           ? 
_diffrn.ambient_temp_details   ? 
_diffrn.crystal_id             1 
# 
_diffrn_radiation.diffrn_id                        1 
_diffrn_radiation.wavelength_id                    1 
_diffrn_radiation.pdbx_monochromatic_or_laue_m_l   ? 
_diffrn_radiation.monochromator                    ? 
_diffrn_radiation.pdbx_diffrn_protocol             ? 
_diffrn_radiation.pdbx_scattering_type             ? 
# 
_diffrn_radiation_wavelength.id           1 
_diffrn_radiation_wavelength.wavelength   . 
_diffrn_radiation_wavelength.wt           1.0 
# 
_refine.pdbx_refine_id                           'ELECTRON MICROSCOPY' 
_refine.entry_id                                 2BK2 
_refine.pdbx_diffrn_id                           1 
_refine.pdbx_TLS_residual_ADP_flag               ? 
_refine.ls_number_reflns_obs                     ? 
_refine.ls_number_reflns_all                     ? 
_refine.pdbx_ls_sigma_I                          ? 
_refine.pdbx_ls_sigma_F                          ? 
_refine.pdbx_data_cutoff_high_absF               ? 
_refine.pdbx_data_cutoff_low_absF                ? 
_refine.pdbx_data_cutoff_high_rms_absF           ? 
_refine.ls_d_res_low                             ? 
_refine.ls_d_res_high                            28.00 
_refine.ls_percent_reflns_obs                    ? 
_refine.ls_R_factor_obs                          ? 
_refine.ls_R_factor_all                          ? 
_refine.ls_R_factor_R_work                       ? 
_refine.ls_R_factor_R_free                       ? 
_refine.ls_R_factor_R_free_error                 ? 
_refine.ls_R_factor_R_free_error_details         ? 
_refine.ls_percent_reflns_R_free                 ? 
_refine.ls_number_reflns_R_free                  ? 
_refine.ls_number_parameters                     ? 
_refine.ls_number_restraints                     ? 
_refine.occupancy_min                            ? 
_refine.occupancy_max                            ? 
_refine.correlation_coeff_Fo_to_Fc               ? 
_refine.correlation_coeff_Fo_to_Fc_free          ? 
_refine.B_iso_mean                               ? 
_refine.aniso_B[1][1]                            ? 
_refine.aniso_B[2][2]                            ? 
_refine.aniso_B[3][3]                            ? 
_refine.aniso_B[1][2]                            ? 
_refine.aniso_B[1][3]                            ? 
_refine.aniso_B[2][3]                            ? 
_refine.solvent_model_details                    ? 
_refine.solvent_model_param_ksol                 ? 
_refine.solvent_model_param_bsol                 ? 
_refine.pdbx_solvent_vdw_probe_radii             ? 
_refine.pdbx_solvent_ion_probe_radii             ? 
_refine.pdbx_solvent_shrinkage_radii             ? 
_refine.pdbx_ls_cross_valid_method               ? 
_refine.details                                  ? 
_refine.pdbx_starting_model                      ? 
_refine.pdbx_method_to_determine_struct          ? 
_refine.pdbx_isotropic_thermal_model             ? 
_refine.pdbx_stereochemistry_target_values       ? 
_refine.pdbx_stereochem_target_val_spec_case     ? 
_refine.pdbx_R_Free_selection_details            ? 
_refine.pdbx_overall_ESU_R                       ? 
_refine.pdbx_overall_ESU_R_Free                  ? 
_refine.overall_SU_ML                            ? 
_refine.pdbx_overall_phase_error                 ? 
_refine.overall_SU_B                             ? 
_refine.overall_SU_R_Cruickshank_DPI             ? 
_refine.pdbx_overall_SU_R_free_Cruickshank_DPI   ? 
_refine.pdbx_overall_SU_R_Blow_DPI               ? 
_refine.pdbx_overall_SU_R_free_Blow_DPI          ? 
# 
_refine_hist.pdbx_refine_id                   'ELECTRON MICROSCOPY' 
_refine_hist.cycle_id                         LAST 
_refine_hist.pdbx_number_atoms_protein        456 
_refine_hist.pdbx_number_atoms_nucleic_acid   0 
_refine_hist.pdbx_number_atoms_ligand         0 
_refine_hist.number_atoms_solvent             0 
_refine_hist.number_atoms_total               456 
_refine_hist.d_res_high                       28.00 
_refine_hist.d_res_low                        . 
# 
_struct.entry_id                  2BK2 
_struct.title                     
'The prepore structure of pneumolysin, obtained by fitting the alpha carbon trace of perfringolysin O into a cryo-EM map' 
_struct.pdbx_model_details        ? 
_struct.pdbx_CASP_flag            ? 
_struct.pdbx_model_type_details   'CA ATOMS ONLY, CHAIN A' 
# 
_struct_keywords.entry_id        2BK2 
_struct_keywords.pdbx_keywords   TOXIN 
_struct_keywords.text            'CYTOLYSIS, HEMOLYSIS, THIOL-ACTIVATED CYTOLYSIN, TOXIN, CRYOEM, CYTOLYTIC PROTEIN' 
# 
_struct_asym.id                            A 
_struct_asym.pdbx_blank_PDB_chainid_flag   N 
_struct_asym.pdbx_modified                 N 
_struct_asym.entity_id                     1 
_struct_asym.details                       ? 
# 
_struct_ref.id                         1 
_struct_ref.db_name                    UNP 
_struct_ref.db_code                    TACY_CLOPE 
_struct_ref.entity_id                  1 
_struct_ref.pdbx_seq_one_letter_code   ? 
_struct_ref.pdbx_align_begin           ? 
_struct_ref.pdbx_db_accession          P19995 
_struct_ref.pdbx_db_isoform            ? 
# 
_struct_ref_seq.align_id                      1 
_struct_ref_seq.ref_id                        1 
_struct_ref_seq.pdbx_PDB_id_code              2BK2 
_struct_ref_seq.pdbx_strand_id                A 
_struct_ref_seq.seq_align_beg                 1 
_struct_ref_seq.pdbx_seq_align_beg_ins_code   ? 
_struct_ref_seq.seq_align_end                 456 
_struct_ref_seq.pdbx_seq_align_end_ins_code   ? 
_struct_ref_seq.pdbx_db_accession             P19995 
_struct_ref_seq.db_align_beg                  36 
_struct_ref_seq.pdbx_db_align_beg_ins_code    ? 
_struct_ref_seq.db_align_end                  500 
_struct_ref_seq.pdbx_db_align_end_ins_code    ? 
_struct_ref_seq.pdbx_auth_seq_align_beg       36 
_struct_ref_seq.pdbx_auth_seq_align_end       500 
# 
loop_
_pdbx_struct_assembly.id 
_pdbx_struct_assembly.details 
_pdbx_struct_assembly.method_details 
_pdbx_struct_assembly.oligomeric_details 
_pdbx_struct_assembly.oligomeric_count 
1 'complete point assembly'                ? 31-MERIC  31 
2 'point asymmetric unit'                  ? monomeric 1  
3 'point asymmetric unit, std point frame' ? monomeric 1  
# 
loop_
_pdbx_struct_assembly_gen.assembly_id 
_pdbx_struct_assembly_gen.oper_expression 
_pdbx_struct_assembly_gen.asym_id_list 
1 '(1-31)' A 
2 1        A 
3 P        A 
# 
loop_
_pdbx_struct_oper_list.id 
_pdbx_struct_oper_list.type 
_pdbx_struct_oper_list.name 
_pdbx_struct_oper_list.symmetry_operation 
_pdbx_struct_oper_list.matrix[1][1] 
_pdbx_struct_oper_list.matrix[1][2] 
_pdbx_struct_oper_list.matrix[1][3] 
_pdbx_struct_oper_list.vector[1] 
_pdbx_struct_oper_list.matrix[2][1] 
_pdbx_struct_oper_list.matrix[2][2] 
_pdbx_struct_oper_list.matrix[2][3] 
_pdbx_struct_oper_list.vector[2] 
_pdbx_struct_oper_list.matrix[3][1] 
_pdbx_struct_oper_list.matrix[3][2] 
_pdbx_struct_oper_list.matrix[3][3] 
_pdbx_struct_oper_list.vector[3] 
P  'transform to point frame' ?     ?     0.23662753  0.65048255  0.72172007  118.94984  -0.77547631 -0.32107972 0.54363985  0.00000    0.58535792  -0.68831698 0.42845751  0.00000    
1  'identity operation'       1_555 x,y,z 1.00000000  0.00000000  0.00000000  0.00000    0.00000000  1.00000000  0.00000000  0.00000    0.00000000  0.00000000  1.00000000  0.00000    
2  'point symmetry operation' ?     ?     0.98654388  -0.09449549 -0.13342328 -19.14450  0.07800023  0.98922825  -0.12386860 -9.27194   0.14369110  0.11179476  0.98328775  11.25982   
3  'point symmetry operation' ?     ?     0.94672642  -0.20161758 -0.25111637 -38.65756  0.13631188  0.95735400  -0.25473985 -21.33201  0.29176730  0.20693880  0.93383520  18.54402   
4  'point symmetry operation' ?     ?     0.88217775  -0.31698068 -0.34826091 -57.74031  0.17254763  0.90568219  -0.38725585 -35.68648  0.43816632  0.28153690  0.85366694  21.55437   
5  'point symmetry operation' ?     ?     0.79554051  -0.43586181 -0.42087978 -75.61149  0.18522402  0.83632826  -0.51599139 -51.74768  0.57689459  0.33253501  0.74606508  20.16764   
6  'point symmetry operation' ?     ?     0.69036162  -0.55339396 -0.46599996 -91.53946  0.17382205  0.75213157  -0.63567602 -68.85806  0.70227255  0.35784526  0.61543484  14.44059   
7  'point symmetry operation' ?     ?     0.57094712  -0.66476536 -0.48177422 -104.87214 0.13880853  0.65653914  -0.74140984 -86.31711  0.80916721  0.35643144  0.46712424  4.60770    
8  'point symmetry operation' ?     ?     0.44218587  -0.76541643 -0.46755677 -115.06366 0.08161692  0.55346455  -0.82886408 -103.41006 0.89320229  0.32835144  0.30720514  -8.92847   
9  'point symmetry operation' ?     ?     0.30934935  -0.85122653 -0.42392967 -121.69681 0.00458864  0.44712767  -0.89445838 -119.43712 0.95093739  0.27475486  0.14222463  -25.61377  
10 'point symmetry operation' ?     ?     0.17787593  -0.91868257 -0.35267902 -124.50000 -0.08912275 0.34188196  -0.93550728 -133.74215 0.98000882  0.19783595  -0.02106294 -44.76507  
11 'point symmetry operation' ?     ?     0.05314811  -0.96502289 -0.25672182 -123.35848 -0.19568070 0.24203617  -0.95033023 -145.73949 0.97922640  0.10074376  -0.17597259 -65.59834  
12 'point symmetry operation' ?     ?     -0.05972771 -0.98835032 -0.13998658 -118.31899 -0.31072271 0.15167802  -0.93832040 -154.93797 0.94862216  -0.01254671 -0.31616227 -87.26065  
13 'point symmetry operation' ?     ?     -0.15613039 -0.98770983 -0.00725245 -109.58783 -0.42953896 0.07450677  -0.89996945 -160.96101 0.88944903  -0.13739737 -0.43589263 -108.86515 
14 'point symmetry operation' ?     ?     -0.23211319 -0.96312763 0.13604642  -97.52247  -0.54726510 0.01368182  -0.83684749 -163.56202 0.80412958  -0.26869680 -0.53026187 -129.52734 
15 'point symmetry operation' ?     ?     -0.28456537 -0.91561014 0.28404336  -82.61686  -0.65908138 -0.02830664 -0.75153873 -162.63451 0.69615679  -0.40106958 -0.59540651 -148.40132 
16 'point symmetry operation' ?     ?     -0.31133952 -0.84710271 0.43067934  -65.48125  -0.76041006 -0.04973960 -0.64753572 -158.21646 0.56995109  -0.52909637 -0.62865951 -164.71437 
17 'point symmetry operation' ?     ?     -0.31133952 -0.76041006 0.56995109  -46.81715  -0.84710271 -0.04973960 -0.52909637 -150.48874 0.43067934  -0.64753572 -0.62865951 -177.79865 
18 'point symmetry operation' ?     ?     -0.28456537 -0.65908138 0.69615679  -27.38869  -0.91561014 -0.02830664 -0.40106958 -139.76773 0.28404336  -0.75153873 -0.59540651 -187.11847 
19 'point symmetry operation' ?     ?     -0.23211319 -0.54726510 0.80412958  -7.99127   -0.96312763 0.01368182  -0.26869680 -126.49234 0.13604642  -0.83684749 -0.53026187 -192.29229 
20 'point symmetry operation' ?     ?     -0.15613039 -0.42953896 0.88944903  10.58099   -0.98770983 0.07450677  -0.13739737 -111.20608 -0.00725245 -0.89996945 -0.43589263 -193.10829 
21 'point symmetry operation' ?     ?     -0.05972771 -0.31072271 0.94862216  27.56772   -0.98835032 0.15167802  -0.01254671 -94.53476  -0.13998658 -0.93832040 -0.31616227 -189.53306 
22 'point symmetry operation' ?     ?     0.05314811  -0.19568070 0.97922640  42.27349   -0.96502289 0.24203617  0.10074376  -77.16091  -0.25672182 -0.95033023 -0.17597259 -181.71297 
23 'point symmetry operation' ?     ?     0.17787593  -0.08912275 0.98000882  54.09625   -0.91868257 0.34188196  0.19783595  -59.79581  -0.35267902 -0.93550728 -0.02106294 -169.96817 
24 'point symmetry operation' ?     ?     0.30934935  0.00458864  0.95093739  62.55197   -0.85122653 0.44712767  0.27475486  -43.15040  -0.42392967 -0.89445838 0.14222463  -154.77951 
25 'point symmetry operation' ?     ?     0.44218587  0.08161692  0.89320229  67.29447   -0.76541643 0.55346455  0.32835144  -27.90614  -0.46755677 -0.82886408 0.30720514  -136.76880 
26 'point symmetry operation' ?     ?     0.57094712  0.13880853  0.80916721  68.12959   -0.66476536 0.65653914  0.35643144  -14.68713  -0.48177422 -0.74140984 0.46712424  -116.67341 
27 'point symmetry operation' ?     ?     0.69036162  0.17382205  0.70227255  65.02315   -0.55339396 0.75213157  0.35784526  -4.03457   -0.46599996 -0.63567602 0.61543484  -95.31605  
28 'point symmetry operation' ?     ?     0.79554051  0.18522402  0.57689459  58.10231   -0.43586181 0.83632826  0.33253501  3.61544    -0.42087978 -0.51599139 0.74606508  -73.57108  
29 'point symmetry operation' ?     ?     0.88217775  0.17254763  0.43816632  47.65043   -0.31698068 0.90568219  0.28153690  7.94970    -0.34826091 -0.38725585 0.85366694  -52.32874  
30 'point symmetry operation' ?     ?     0.94672642  0.13631188  0.29176730  34.09540   -0.20161758 0.95735400  0.20693880  8.79077    -0.25111637 -0.25473985 0.93383520  -32.45871  
31 'point symmetry operation' ?     ?     0.98654388  0.07800023  0.14369110  17.99217   -0.09449549 0.98922825  0.11179476  6.10420    -0.13342328 -0.12386860 0.98328775  -14.77447   
# 
_struct_biol.id   1 
# 
_pdbx_point_symmetry.entry_id             2BK2 
_pdbx_point_symmetry.Schoenflies_symbol   C 
_pdbx_point_symmetry.circular_symmetry    31 
# 
_em_3d_fitting.id                1 
_em_3d_fitting.entry_id          2BK2 
_em_3d_fitting.ref_protocol      'RIGID BODY FIT' 
_em_3d_fitting.ref_space         ? 
_em_3d_fitting.overall_b_value   ? 
_em_3d_fitting.target_criteria   ? 
_em_3d_fitting.details           
;METHOD--THE CRYSTAL STRUCTURE OF PERFRINOGLYSIN O (1PFO, ROSSJOHN ET AL., 1998, 
CELL 89, 685)WAS PLACED INTO THE CRYO-EM DENSITY MAP (EMD-1106). THE ALPHA 
CARBON TRACE OF PERFRINGOLYSIN 0 WAS MANUALLY POSITIONED INTO THE CRYO-EM 
DENSITY CORRESPONDING TO THE POSITION OF ONE SUBUNIT. THE BEST FIT WAS OBTAINED 
BY SEPARATING THE MONOMER INTO TWO RIGID BODIES- DOMAINS 1-3 (36-390) AND 
DOMAIN 4 (391-500). THE COMPLETE OLIGOMER (31-MER) WAS GENERATED AND CHECKED 
FOR CLOSE CONTACTS BOTH BY EYE AND USING THE CCP4 PROGRAM CONTACT.
;
_em_3d_fitting.method            ? 
# 
_em_3d_fitting_list.3d_fitting_id                 1 
_em_3d_fitting_list.id                            1 
_em_3d_fitting_list.pdb_entry_id                  1PFO 
_em_3d_fitting_list.pdb_chain_id                  ? 
_em_3d_fitting_list.details                       ? 
_em_3d_fitting_list.initial_refinement_model_id   1 
_em_3d_fitting_list.chain_id                      ? 
_em_3d_fitting_list.chain_residue_range           ? 
_em_3d_fitting_list.pdb_chain_residue_range       ? 
_em_3d_fitting_list.source_name                   PDB 
_em_3d_fitting_list.type                          'experimental model' 
_em_3d_fitting_list.accession_code                1PFO 
# 
_em_3d_reconstruction.entry_id                    2BK2 
_em_3d_reconstruction.id                          1 
_em_3d_reconstruction.symmetry_type               POINT 
_em_3d_reconstruction.num_particles               223 
_em_3d_reconstruction.image_processing_id         1 
_em_3d_reconstruction.method                      ? 
_em_3d_reconstruction.nominal_pixel_size          3.5 
_em_3d_reconstruction.actual_pixel_size           ? 
_em_3d_reconstruction.resolution                  28.00 
_em_3d_reconstruction.magnification_calibration   ? 
_em_3d_reconstruction.details                     
'RESIDUES 134-142 ARE MISSING FROM THE SEQUENCE. THE 31-MER CAN BE GENERATED BY APPLYING 31-FOLD ROTATIONAL SYMMETRY' 
_em_3d_reconstruction.num_class_averages          ? 
_em_3d_reconstruction.resolution_method           ? 
_em_3d_reconstruction.algorithm                   ? 
# 
_em_buffer.id            1 
_em_buffer.pH            6.95 
_em_buffer.specimen_id   1 
_em_buffer.name          '8 MM NA2HP04, 1.5MM KH2PO4, 2.5 MM KCL, 0.25 MM NACL' 
_em_buffer.details       '8 MM NA2HP04, 1.5MM KH2PO4, 2.5 MM KCL, 0.25 MM NACL' 
# 
_em_entity_assembly.id                   1 
_em_entity_assembly.name                 PNEUMOLYSIN 
_em_entity_assembly.type                 COMPLEX 
_em_entity_assembly.parent_id            0 
_em_entity_assembly.synonym              ? 
_em_entity_assembly.details              'THE SAMPLE CONSISTS OF PNEUMOLYSIN IN A MEMBRANE-INSERTED PORE STATE' 
_em_entity_assembly.oligomeric_details   ? 
# 
_em_image_scans.entry_id                2BK2 
_em_image_scans.id                      1 
_em_image_scans.image_recording_id      1 
_em_image_scans.number_digital_images   135 
_em_image_scans.citation_id             ? 
_em_image_scans.od_range                ? 
_em_image_scans.quant_bit_size          ? 
_em_image_scans.sampling_size           ? 
_em_image_scans.scanner_model           ? 
_em_image_scans.details                 ? 
# 
_em_imaging.entry_id                        2BK2 
_em_imaging.id                              1 
_em_imaging.microscope_model                'FEI TECNAI F20' 
_em_imaging.illumination_mode               'FLOOD BEAM' 
_em_imaging.electron_source                 'FIELD EMISSION GUN' 
_em_imaging.specimen_id                     1 
_em_imaging.date                            ? 
_em_imaging.temperature                     100 
_em_imaging.nominal_defocus_min             1100 
_em_imaging.nominal_defocus_max             3200 
_em_imaging.tilt_angle_min                  0 
_em_imaging.tilt_angle_max                  0 
_em_imaging.nominal_cs                      2 
_em_imaging.mode                            'BRIGHT FIELD' 
_em_imaging.nominal_magnification           42000 
_em_imaging.calibrated_magnification        ? 
_em_imaging.accelerating_voltage            200 
_em_imaging.details                         'SAMPLES WERE MAINTAINED AT LIQUID NITROGEN TEMPERATURES IN THE ELECTRON MICROSCOPE.' 
_em_imaging.specimen_holder_type            . 
_em_imaging.specimen_holder_model           . 
_em_imaging.citation_id                     ? 
_em_imaging.astigmatism                     ? 
_em_imaging.detector_distance               ? 
_em_imaging.electron_beam_tilt_params       ? 
_em_imaging.recording_temperature_maximum   ? 
_em_imaging.recording_temperature_minimum   ? 
# 
_em_sample_support.id               1 
_em_sample_support.specimen_id      1 
_em_sample_support.details          'HOLEY CARBON' 
_em_sample_support.method           ? 
_em_sample_support.film_material    ? 
_em_sample_support.grid_material    ? 
_em_sample_support.grid_mesh_size   ? 
_em_sample_support.grid_type        ? 
# 
_em_vitrification.entry_id              2BK2 
_em_vitrification.id                    1 
_em_vitrification.instrument            'HOMEMADE PLUNGER' 
_em_vitrification.cryogen_name          ETHANE 
_em_vitrification.specimen_id           1 
_em_vitrification.details               'PLUNGED INTO ETHANE' 
_em_vitrification.citation_id           ? 
_em_vitrification.humidity              ? 
_em_vitrification.method                ? 
_em_vitrification.temp                  ? 
_em_vitrification.time_resolved_state   ? 
# 
_em_experiment.entry_id                2BK2 
_em_experiment.id                      1 
_em_experiment.aggregation_state       PARTICLE 
_em_experiment.entity_assembly_id      1 
_em_experiment.reconstruction_method   'SINGLE PARTICLE' 
# 
_em_single_particle_entity.entry_id              2BK2 
_em_single_particle_entity.id                    1 
_em_single_particle_entity.point_symmetry        C31 
_em_single_particle_entity.image_processing_id   1 
# 
loop_
_chem_comp_atom.comp_id 
_chem_comp_atom.atom_id 
_chem_comp_atom.type_symbol 
_chem_comp_atom.pdbx_aromatic_flag 
_chem_comp_atom.pdbx_stereo_config 
_chem_comp_atom.pdbx_ordinal 
ALA N    N N N 1   
ALA CA   C N S 2   
ALA C    C N N 3   
ALA O    O N N 4   
ALA CB   C N N 5   
ALA OXT  O N N 6   
ALA H    H N N 7   
ALA H2   H N N 8   
ALA HA   H N N 9   
ALA HB1  H N N 10  
ALA HB2  H N N 11  
ALA HB3  H N N 12  
ALA HXT  H N N 13  
ARG N    N N N 14  
ARG CA   C N S 15  
ARG C    C N N 16  
ARG O    O N N 17  
ARG CB   C N N 18  
ARG CG   C N N 19  
ARG CD   C N N 20  
ARG NE   N N N 21  
ARG CZ   C N N 22  
ARG NH1  N N N 23  
ARG NH2  N N N 24  
ARG OXT  O N N 25  
ARG H    H N N 26  
ARG H2   H N N 27  
ARG HA   H N N 28  
ARG HB2  H N N 29  
ARG HB3  H N N 30  
ARG HG2  H N N 31  
ARG HG3  H N N 32  
ARG HD2  H N N 33  
ARG HD3  H N N 34  
ARG HE   H N N 35  
ARG HH11 H N N 36  
ARG HH12 H N N 37  
ARG HH21 H N N 38  
ARG HH22 H N N 39  
ARG HXT  H N N 40  
ASN N    N N N 41  
ASN CA   C N S 42  
ASN C    C N N 43  
ASN O    O N N 44  
ASN CB   C N N 45  
ASN CG   C N N 46  
ASN OD1  O N N 47  
ASN ND2  N N N 48  
ASN OXT  O N N 49  
ASN H    H N N 50  
ASN H2   H N N 51  
ASN HA   H N N 52  
ASN HB2  H N N 53  
ASN HB3  H N N 54  
ASN HD21 H N N 55  
ASN HD22 H N N 56  
ASN HXT  H N N 57  
ASP N    N N N 58  
ASP CA   C N S 59  
ASP C    C N N 60  
ASP O    O N N 61  
ASP CB   C N N 62  
ASP CG   C N N 63  
ASP OD1  O N N 64  
ASP OD2  O N N 65  
ASP OXT  O N N 66  
ASP H    H N N 67  
ASP H2   H N N 68  
ASP HA   H N N 69  
ASP HB2  H N N 70  
ASP HB3  H N N 71  
ASP HD2  H N N 72  
ASP HXT  H N N 73  
CYS N    N N N 74  
CYS CA   C N R 75  
CYS C    C N N 76  
CYS O    O N N 77  
CYS CB   C N N 78  
CYS SG   S N N 79  
CYS OXT  O N N 80  
CYS H    H N N 81  
CYS H2   H N N 82  
CYS HA   H N N 83  
CYS HB2  H N N 84  
CYS HB3  H N N 85  
CYS HG   H N N 86  
CYS HXT  H N N 87  
GLN N    N N N 88  
GLN CA   C N S 89  
GLN C    C N N 90  
GLN O    O N N 91  
GLN CB   C N N 92  
GLN CG   C N N 93  
GLN CD   C N N 94  
GLN OE1  O N N 95  
GLN NE2  N N N 96  
GLN OXT  O N N 97  
GLN H    H N N 98  
GLN H2   H N N 99  
GLN HA   H N N 100 
GLN HB2  H N N 101 
GLN HB3  H N N 102 
GLN HG2  H N N 103 
GLN HG3  H N N 104 
GLN HE21 H N N 105 
GLN HE22 H N N 106 
GLN HXT  H N N 107 
GLU N    N N N 108 
GLU CA   C N S 109 
GLU C    C N N 110 
GLU O    O N N 111 
GLU CB   C N N 112 
GLU CG   C N N 113 
GLU CD   C N N 114 
GLU OE1  O N N 115 
GLU OE2  O N N 116 
GLU OXT  O N N 117 
GLU H    H N N 118 
GLU H2   H N N 119 
GLU HA   H N N 120 
GLU HB2  H N N 121 
GLU HB3  H N N 122 
GLU HG2  H N N 123 
GLU HG3  H N N 124 
GLU HE2  H N N 125 
GLU HXT  H N N 126 
GLY N    N N N 127 
GLY CA   C N N 128 
GLY C    C N N 129 
GLY O    O N N 130 
GLY OXT  O N N 131 
GLY H    H N N 132 
GLY H2   H N N 133 
GLY HA2  H N N 134 
GLY HA3  H N N 135 
GLY HXT  H N N 136 
HIS N    N N N 137 
HIS CA   C N S 138 
HIS C    C N N 139 
HIS O    O N N 140 
HIS CB   C N N 141 
HIS CG   C Y N 142 
HIS ND1  N Y N 143 
HIS CD2  C Y N 144 
HIS CE1  C Y N 145 
HIS NE2  N Y N 146 
HIS OXT  O N N 147 
HIS H    H N N 148 
HIS H2   H N N 149 
HIS HA   H N N 150 
HIS HB2  H N N 151 
HIS HB3  H N N 152 
HIS HD1  H N N 153 
HIS HD2  H N N 154 
HIS HE1  H N N 155 
HIS HE2  H N N 156 
HIS HXT  H N N 157 
ILE N    N N N 158 
ILE CA   C N S 159 
ILE C    C N N 160 
ILE O    O N N 161 
ILE CB   C N S 162 
ILE CG1  C N N 163 
ILE CG2  C N N 164 
ILE CD1  C N N 165 
ILE OXT  O N N 166 
ILE H    H N N 167 
ILE H2   H N N 168 
ILE HA   H N N 169 
ILE HB   H N N 170 
ILE HG12 H N N 171 
ILE HG13 H N N 172 
ILE HG21 H N N 173 
ILE HG22 H N N 174 
ILE HG23 H N N 175 
ILE HD11 H N N 176 
ILE HD12 H N N 177 
ILE HD13 H N N 178 
ILE HXT  H N N 179 
LEU N    N N N 180 
LEU CA   C N S 181 
LEU C    C N N 182 
LEU O    O N N 183 
LEU CB   C N N 184 
LEU CG   C N N 185 
LEU CD1  C N N 186 
LEU CD2  C N N 187 
LEU OXT  O N N 188 
LEU H    H N N 189 
LEU H2   H N N 190 
LEU HA   H N N 191 
LEU HB2  H N N 192 
LEU HB3  H N N 193 
LEU HG   H N N 194 
LEU HD11 H N N 195 
LEU HD12 H N N 196 
LEU HD13 H N N 197 
LEU HD21 H N N 198 
LEU HD22 H N N 199 
LEU HD23 H N N 200 
LEU HXT  H N N 201 
LYS N    N N N 202 
LYS CA   C N S 203 
LYS C    C N N 204 
LYS O    O N N 205 
LYS CB   C N N 206 
LYS CG   C N N 207 
LYS CD   C N N 208 
LYS CE   C N N 209 
LYS NZ   N N N 210 
LYS OXT  O N N 211 
LYS H    H N N 212 
LYS H2   H N N 213 
LYS HA   H N N 214 
LYS HB2  H N N 215 
LYS HB3  H N N 216 
LYS HG2  H N N 217 
LYS HG3  H N N 218 
LYS HD2  H N N 219 
LYS HD3  H N N 220 
LYS HE2  H N N 221 
LYS HE3  H N N 222 
LYS HZ1  H N N 223 
LYS HZ2  H N N 224 
LYS HZ3  H N N 225 
LYS HXT  H N N 226 
MET N    N N N 227 
MET CA   C N S 228 
MET C    C N N 229 
MET O    O N N 230 
MET CB   C N N 231 
MET CG   C N N 232 
MET SD   S N N 233 
MET CE   C N N 234 
MET OXT  O N N 235 
MET H    H N N 236 
MET H2   H N N 237 
MET HA   H N N 238 
MET HB2  H N N 239 
MET HB3  H N N 240 
MET HG2  H N N 241 
MET HG3  H N N 242 
MET HE1  H N N 243 
MET HE2  H N N 244 
MET HE3  H N N 245 
MET HXT  H N N 246 
PHE N    N N N 247 
PHE CA   C N S 248 
PHE C    C N N 249 
PHE O    O N N 250 
PHE CB   C N N 251 
PHE CG   C Y N 252 
PHE CD1  C Y N 253 
PHE CD2  C Y N 254 
PHE CE1  C Y N 255 
PHE CE2  C Y N 256 
PHE CZ   C Y N 257 
PHE OXT  O N N 258 
PHE H    H N N 259 
PHE H2   H N N 260 
PHE HA   H N N 261 
PHE HB2  H N N 262 
PHE HB3  H N N 263 
PHE HD1  H N N 264 
PHE HD2  H N N 265 
PHE HE1  H N N 266 
PHE HE2  H N N 267 
PHE HZ   H N N 268 
PHE HXT  H N N 269 
PRO N    N N N 270 
PRO CA   C N S 271 
PRO C    C N N 272 
PRO O    O N N 273 
PRO CB   C N N 274 
PRO CG   C N N 275 
PRO CD   C N N 276 
PRO OXT  O N N 277 
PRO H    H N N 278 
PRO HA   H N N 279 
PRO HB2  H N N 280 
PRO HB3  H N N 281 
PRO HG2  H N N 282 
PRO HG3  H N N 283 
PRO HD2  H N N 284 
PRO HD3  H N N 285 
PRO HXT  H N N 286 
SER N    N N N 287 
SER CA   C N S 288 
SER C    C N N 289 
SER O    O N N 290 
SER CB   C N N 291 
SER OG   O N N 292 
SER OXT  O N N 293 
SER H    H N N 294 
SER H2   H N N 295 
SER HA   H N N 296 
SER HB2  H N N 297 
SER HB3  H N N 298 
SER HG   H N N 299 
SER HXT  H N N 300 
THR N    N N N 301 
THR CA   C N S 302 
THR C    C N N 303 
THR O    O N N 304 
THR CB   C N R 305 
THR OG1  O N N 306 
THR CG2  C N N 307 
THR OXT  O N N 308 
THR H    H N N 309 
THR H2   H N N 310 
THR HA   H N N 311 
THR HB   H N N 312 
THR HG1  H N N 313 
THR HG21 H N N 314 
THR HG22 H N N 315 
THR HG23 H N N 316 
THR HXT  H N N 317 
TRP N    N N N 318 
TRP CA   C N S 319 
TRP C    C N N 320 
TRP O    O N N 321 
TRP CB   C N N 322 
TRP CG   C Y N 323 
TRP CD1  C Y N 324 
TRP CD2  C Y N 325 
TRP NE1  N Y N 326 
TRP CE2  C Y N 327 
TRP CE3  C Y N 328 
TRP CZ2  C Y N 329 
TRP CZ3  C Y N 330 
TRP CH2  C Y N 331 
TRP OXT  O N N 332 
TRP H    H N N 333 
TRP H2   H N N 334 
TRP HA   H N N 335 
TRP HB2  H N N 336 
TRP HB3  H N N 337 
TRP HD1  H N N 338 
TRP HE1  H N N 339 
TRP HE3  H N N 340 
TRP HZ2  H N N 341 
TRP HZ3  H N N 342 
TRP HH2  H N N 343 
TRP HXT  H N N 344 
TYR N    N N N 345 
TYR CA   C N S 346 
TYR C    C N N 347 
TYR O    O N N 348 
TYR CB   C N N 349 
TYR CG   C Y N 350 
TYR CD1  C Y N 351 
TYR CD2  C Y N 352 
TYR CE1  C Y N 353 
TYR CE2  C Y N 354 
TYR CZ   C Y N 355 
TYR OH   O N N 356 
TYR OXT  O N N 357 
TYR H    H N N 358 
TYR H2   H N N 359 
TYR HA   H N N 360 
TYR HB2  H N N 361 
TYR HB3  H N N 362 
TYR HD1  H N N 363 
TYR HD2  H N N 364 
TYR HE1  H N N 365 
TYR HE2  H N N 366 
TYR HH   H N N 367 
TYR HXT  H N N 368 
VAL N    N N N 369 
VAL CA   C N S 370 
VAL C    C N N 371 
VAL O    O N N 372 
VAL CB   C N N 373 
VAL CG1  C N N 374 
VAL CG2  C N N 375 
VAL OXT  O N N 376 
VAL H    H N N 377 
VAL H2   H N N 378 
VAL HA   H N N 379 
VAL HB   H N N 380 
VAL HG11 H N N 381 
VAL HG12 H N N 382 
VAL HG13 H N N 383 
VAL HG21 H N N 384 
VAL HG22 H N N 385 
VAL HG23 H N N 386 
VAL HXT  H N N 387 
# 
loop_
_chem_comp_bond.comp_id 
_chem_comp_bond.atom_id_1 
_chem_comp_bond.atom_id_2 
_chem_comp_bond.value_order 
_chem_comp_bond.pdbx_aromatic_flag 
_chem_comp_bond.pdbx_stereo_config 
_chem_comp_bond.pdbx_ordinal 
ALA N   CA   sing N N 1   
ALA N   H    sing N N 2   
ALA N   H2   sing N N 3   
ALA CA  C    sing N N 4   
ALA CA  CB   sing N N 5   
ALA CA  HA   sing N N 6   
ALA C   O    doub N N 7   
ALA C   OXT  sing N N 8   
ALA CB  HB1  sing N N 9   
ALA CB  HB2  sing N N 10  
ALA CB  HB3  sing N N 11  
ALA OXT HXT  sing N N 12  
ARG N   CA   sing N N 13  
ARG N   H    sing N N 14  
ARG N   H2   sing N N 15  
ARG CA  C    sing N N 16  
ARG CA  CB   sing N N 17  
ARG CA  HA   sing N N 18  
ARG C   O    doub N N 19  
ARG C   OXT  sing N N 20  
ARG CB  CG   sing N N 21  
ARG CB  HB2  sing N N 22  
ARG CB  HB3  sing N N 23  
ARG CG  CD   sing N N 24  
ARG CG  HG2  sing N N 25  
ARG CG  HG3  sing N N 26  
ARG CD  NE   sing N N 27  
ARG CD  HD2  sing N N 28  
ARG CD  HD3  sing N N 29  
ARG NE  CZ   sing N N 30  
ARG NE  HE   sing N N 31  
ARG CZ  NH1  sing N N 32  
ARG CZ  NH2  doub N N 33  
ARG NH1 HH11 sing N N 34  
ARG NH1 HH12 sing N N 35  
ARG NH2 HH21 sing N N 36  
ARG NH2 HH22 sing N N 37  
ARG OXT HXT  sing N N 38  
ASN N   CA   sing N N 39  
ASN N   H    sing N N 40  
ASN N   H2   sing N N 41  
ASN CA  C    sing N N 42  
ASN CA  CB   sing N N 43  
ASN CA  HA   sing N N 44  
ASN C   O    doub N N 45  
ASN C   OXT  sing N N 46  
ASN CB  CG   sing N N 47  
ASN CB  HB2  sing N N 48  
ASN CB  HB3  sing N N 49  
ASN CG  OD1  doub N N 50  
ASN CG  ND2  sing N N 51  
ASN ND2 HD21 sing N N 52  
ASN ND2 HD22 sing N N 53  
ASN OXT HXT  sing N N 54  
ASP N   CA   sing N N 55  
ASP N   H    sing N N 56  
ASP N   H2   sing N N 57  
ASP CA  C    sing N N 58  
ASP CA  CB   sing N N 59  
ASP CA  HA   sing N N 60  
ASP C   O    doub N N 61  
ASP C   OXT  sing N N 62  
ASP CB  CG   sing N N 63  
ASP CB  HB2  sing N N 64  
ASP CB  HB3  sing N N 65  
ASP CG  OD1  doub N N 66  
ASP CG  OD2  sing N N 67  
ASP OD2 HD2  sing N N 68  
ASP OXT HXT  sing N N 69  
CYS N   CA   sing N N 70  
CYS N   H    sing N N 71  
CYS N   H2   sing N N 72  
CYS CA  C    sing N N 73  
CYS CA  CB   sing N N 74  
CYS CA  HA   sing N N 75  
CYS C   O    doub N N 76  
CYS C   OXT  sing N N 77  
CYS CB  SG   sing N N 78  
CYS CB  HB2  sing N N 79  
CYS CB  HB3  sing N N 80  
CYS SG  HG   sing N N 81  
CYS OXT HXT  sing N N 82  
GLN N   CA   sing N N 83  
GLN N   H    sing N N 84  
GLN N   H2   sing N N 85  
GLN CA  C    sing N N 86  
GLN CA  CB   sing N N 87  
GLN CA  HA   sing N N 88  
GLN C   O    doub N N 89  
GLN C   OXT  sing N N 90  
GLN CB  CG   sing N N 91  
GLN CB  HB2  sing N N 92  
GLN CB  HB3  sing N N 93  
GLN CG  CD   sing N N 94  
GLN CG  HG2  sing N N 95  
GLN CG  HG3  sing N N 96  
GLN CD  OE1  doub N N 97  
GLN CD  NE2  sing N N 98  
GLN NE2 HE21 sing N N 99  
GLN NE2 HE22 sing N N 100 
GLN OXT HXT  sing N N 101 
GLU N   CA   sing N N 102 
GLU N   H    sing N N 103 
GLU N   H2   sing N N 104 
GLU CA  C    sing N N 105 
GLU CA  CB   sing N N 106 
GLU CA  HA   sing N N 107 
GLU C   O    doub N N 108 
GLU C   OXT  sing N N 109 
GLU CB  CG   sing N N 110 
GLU CB  HB2  sing N N 111 
GLU CB  HB3  sing N N 112 
GLU CG  CD   sing N N 113 
GLU CG  HG2  sing N N 114 
GLU CG  HG3  sing N N 115 
GLU CD  OE1  doub N N 116 
GLU CD  OE2  sing N N 117 
GLU OE2 HE2  sing N N 118 
GLU OXT HXT  sing N N 119 
GLY N   CA   sing N N 120 
GLY N   H    sing N N 121 
GLY N   H2   sing N N 122 
GLY CA  C    sing N N 123 
GLY CA  HA2  sing N N 124 
GLY CA  HA3  sing N N 125 
GLY C   O    doub N N 126 
GLY C   OXT  sing N N 127 
GLY OXT HXT  sing N N 128 
HIS N   CA   sing N N 129 
HIS N   H    sing N N 130 
HIS N   H2   sing N N 131 
HIS CA  C    sing N N 132 
HIS CA  CB   sing N N 133 
HIS CA  HA   sing N N 134 
HIS C   O    doub N N 135 
HIS C   OXT  sing N N 136 
HIS CB  CG   sing N N 137 
HIS CB  HB2  sing N N 138 
HIS CB  HB3  sing N N 139 
HIS CG  ND1  sing Y N 140 
HIS CG  CD2  doub Y N 141 
HIS ND1 CE1  doub Y N 142 
HIS ND1 HD1  sing N N 143 
HIS CD2 NE2  sing Y N 144 
HIS CD2 HD2  sing N N 145 
HIS CE1 NE2  sing Y N 146 
HIS CE1 HE1  sing N N 147 
HIS NE2 HE2  sing N N 148 
HIS OXT HXT  sing N N 149 
ILE N   CA   sing N N 150 
ILE N   H    sing N N 151 
ILE N   H2   sing N N 152 
ILE CA  C    sing N N 153 
ILE CA  CB   sing N N 154 
ILE CA  HA   sing N N 155 
ILE C   O    doub N N 156 
ILE C   OXT  sing N N 157 
ILE CB  CG1  sing N N 158 
ILE CB  CG2  sing N N 159 
ILE CB  HB   sing N N 160 
ILE CG1 CD1  sing N N 161 
ILE CG1 HG12 sing N N 162 
ILE CG1 HG13 sing N N 163 
ILE CG2 HG21 sing N N 164 
ILE CG2 HG22 sing N N 165 
ILE CG2 HG23 sing N N 166 
ILE CD1 HD11 sing N N 167 
ILE CD1 HD12 sing N N 168 
ILE CD1 HD13 sing N N 169 
ILE OXT HXT  sing N N 170 
LEU N   CA   sing N N 171 
LEU N   H    sing N N 172 
LEU N   H2   sing N N 173 
LEU CA  C    sing N N 174 
LEU CA  CB   sing N N 175 
LEU CA  HA   sing N N 176 
LEU C   O    doub N N 177 
LEU C   OXT  sing N N 178 
LEU CB  CG   sing N N 179 
LEU CB  HB2  sing N N 180 
LEU CB  HB3  sing N N 181 
LEU CG  CD1  sing N N 182 
LEU CG  CD2  sing N N 183 
LEU CG  HG   sing N N 184 
LEU CD1 HD11 sing N N 185 
LEU CD1 HD12 sing N N 186 
LEU CD1 HD13 sing N N 187 
LEU CD2 HD21 sing N N 188 
LEU CD2 HD22 sing N N 189 
LEU CD2 HD23 sing N N 190 
LEU OXT HXT  sing N N 191 
LYS N   CA   sing N N 192 
LYS N   H    sing N N 193 
LYS N   H2   sing N N 194 
LYS CA  C    sing N N 195 
LYS CA  CB   sing N N 196 
LYS CA  HA   sing N N 197 
LYS C   O    doub N N 198 
LYS C   OXT  sing N N 199 
LYS CB  CG   sing N N 200 
LYS CB  HB2  sing N N 201 
LYS CB  HB3  sing N N 202 
LYS CG  CD   sing N N 203 
LYS CG  HG2  sing N N 204 
LYS CG  HG3  sing N N 205 
LYS CD  CE   sing N N 206 
LYS CD  HD2  sing N N 207 
LYS CD  HD3  sing N N 208 
LYS CE  NZ   sing N N 209 
LYS CE  HE2  sing N N 210 
LYS CE  HE3  sing N N 211 
LYS NZ  HZ1  sing N N 212 
LYS NZ  HZ2  sing N N 213 
LYS NZ  HZ3  sing N N 214 
LYS OXT HXT  sing N N 215 
MET N   CA   sing N N 216 
MET N   H    sing N N 217 
MET N   H2   sing N N 218 
MET CA  C    sing N N 219 
MET CA  CB   sing N N 220 
MET CA  HA   sing N N 221 
MET C   O    doub N N 222 
MET C   OXT  sing N N 223 
MET CB  CG   sing N N 224 
MET CB  HB2  sing N N 225 
MET CB  HB3  sing N N 226 
MET CG  SD   sing N N 227 
MET CG  HG2  sing N N 228 
MET CG  HG3  sing N N 229 
MET SD  CE   sing N N 230 
MET CE  HE1  sing N N 231 
MET CE  HE2  sing N N 232 
MET CE  HE3  sing N N 233 
MET OXT HXT  sing N N 234 
PHE N   CA   sing N N 235 
PHE N   H    sing N N 236 
PHE N   H2   sing N N 237 
PHE CA  C    sing N N 238 
PHE CA  CB   sing N N 239 
PHE CA  HA   sing N N 240 
PHE C   O    doub N N 241 
PHE C   OXT  sing N N 242 
PHE CB  CG   sing N N 243 
PHE CB  HB2  sing N N 244 
PHE CB  HB3  sing N N 245 
PHE CG  CD1  doub Y N 246 
PHE CG  CD2  sing Y N 247 
PHE CD1 CE1  sing Y N 248 
PHE CD1 HD1  sing N N 249 
PHE CD2 CE2  doub Y N 250 
PHE CD2 HD2  sing N N 251 
PHE CE1 CZ   doub Y N 252 
PHE CE1 HE1  sing N N 253 
PHE CE2 CZ   sing Y N 254 
PHE CE2 HE2  sing N N 255 
PHE CZ  HZ   sing N N 256 
PHE OXT HXT  sing N N 257 
PRO N   CA   sing N N 258 
PRO N   CD   sing N N 259 
PRO N   H    sing N N 260 
PRO CA  C    sing N N 261 
PRO CA  CB   sing N N 262 
PRO CA  HA   sing N N 263 
PRO C   O    doub N N 264 
PRO C   OXT  sing N N 265 
PRO CB  CG   sing N N 266 
PRO CB  HB2  sing N N 267 
PRO CB  HB3  sing N N 268 
PRO CG  CD   sing N N 269 
PRO CG  HG2  sing N N 270 
PRO CG  HG3  sing N N 271 
PRO CD  HD2  sing N N 272 
PRO CD  HD3  sing N N 273 
PRO OXT HXT  sing N N 274 
SER N   CA   sing N N 275 
SER N   H    sing N N 276 
SER N   H2   sing N N 277 
SER CA  C    sing N N 278 
SER CA  CB   sing N N 279 
SER CA  HA   sing N N 280 
SER C   O    doub N N 281 
SER C   OXT  sing N N 282 
SER CB  OG   sing N N 283 
SER CB  HB2  sing N N 284 
SER CB  HB3  sing N N 285 
SER OG  HG   sing N N 286 
SER OXT HXT  sing N N 287 
THR N   CA   sing N N 288 
THR N   H    sing N N 289 
THR N   H2   sing N N 290 
THR CA  C    sing N N 291 
THR CA  CB   sing N N 292 
THR CA  HA   sing N N 293 
THR C   O    doub N N 294 
THR C   OXT  sing N N 295 
THR CB  OG1  sing N N 296 
THR CB  CG2  sing N N 297 
THR CB  HB   sing N N 298 
THR OG1 HG1  sing N N 299 
THR CG2 HG21 sing N N 300 
THR CG2 HG22 sing N N 301 
THR CG2 HG23 sing N N 302 
THR OXT HXT  sing N N 303 
TRP N   CA   sing N N 304 
TRP N   H    sing N N 305 
TRP N   H2   sing N N 306 
TRP CA  C    sing N N 307 
TRP CA  CB   sing N N 308 
TRP CA  HA   sing N N 309 
TRP C   O    doub N N 310 
TRP C   OXT  sing N N 311 
TRP CB  CG   sing N N 312 
TRP CB  HB2  sing N N 313 
TRP CB  HB3  sing N N 314 
TRP CG  CD1  doub Y N 315 
TRP CG  CD2  sing Y N 316 
TRP CD1 NE1  sing Y N 317 
TRP CD1 HD1  sing N N 318 
TRP CD2 CE2  doub Y N 319 
TRP CD2 CE3  sing Y N 320 
TRP NE1 CE2  sing Y N 321 
TRP NE1 HE1  sing N N 322 
TRP CE2 CZ2  sing Y N 323 
TRP CE3 CZ3  doub Y N 324 
TRP CE3 HE3  sing N N 325 
TRP CZ2 CH2  doub Y N 326 
TRP CZ2 HZ2  sing N N 327 
TRP CZ3 CH2  sing Y N 328 
TRP CZ3 HZ3  sing N N 329 
TRP CH2 HH2  sing N N 330 
TRP OXT HXT  sing N N 331 
TYR N   CA   sing N N 332 
TYR N   H    sing N N 333 
TYR N   H2   sing N N 334 
TYR CA  C    sing N N 335 
TYR CA  CB   sing N N 336 
TYR CA  HA   sing N N 337 
TYR C   O    doub N N 338 
TYR C   OXT  sing N N 339 
TYR CB  CG   sing N N 340 
TYR CB  HB2  sing N N 341 
TYR CB  HB3  sing N N 342 
TYR CG  CD1  doub Y N 343 
TYR CG  CD2  sing Y N 344 
TYR CD1 CE1  sing Y N 345 
TYR CD1 HD1  sing N N 346 
TYR CD2 CE2  doub Y N 347 
TYR CD2 HD2  sing N N 348 
TYR CE1 CZ   doub Y N 349 
TYR CE1 HE1  sing N N 350 
TYR CE2 CZ   sing Y N 351 
TYR CE2 HE2  sing N N 352 
TYR CZ  OH   sing N N 353 
TYR OH  HH   sing N N 354 
TYR OXT HXT  sing N N 355 
VAL N   CA   sing N N 356 
VAL N   H    sing N N 357 
VAL N   H2   sing N N 358 
VAL CA  C    sing N N 359 
VAL CA  CB   sing N N 360 
VAL CA  HA   sing N N 361 
VAL C   O    doub N N 362 
VAL C   OXT  sing N N 363 
VAL CB  CG1  sing N N 364 
VAL CB  CG2  sing N N 365 
VAL CB  HB   sing N N 366 
VAL CG1 HG11 sing N N 367 
VAL CG1 HG12 sing N N 368 
VAL CG1 HG13 sing N N 369 
VAL CG2 HG21 sing N N 370 
VAL CG2 HG22 sing N N 371 
VAL CG2 HG23 sing N N 372 
VAL OXT HXT  sing N N 373 
# 
_em_ctf_correction.id        1 
_em_ctf_correction.details   'PHASE FLIPPING' 
_em_ctf_correction.type      ? 
# 
_em_image_processing.id                   1 
_em_image_processing.image_recording_id   1 
_em_image_processing.details              ? 
# 
_em_image_recording.details                       ? 
_em_image_recording.id                            1 
_em_image_recording.avg_electron_dose_per_image   20 
_em_image_recording.film_or_detector_model        'KODAK SO-163 FILM' 
_em_image_recording.imaging_id                    1 
_em_image_recording.detector_mode                 ? 
_em_image_recording.average_exposure_time         ? 
_em_image_recording.num_diffraction_images        ? 
_em_image_recording.num_grids_imaged              ? 
_em_image_recording.num_real_images               ? 
# 
_em_specimen.experiment_id           1 
_em_specimen.id                      1 
_em_specimen.concentration           0.05 
_em_specimen.vitrification_applied   YES 
_em_specimen.staining_applied        NO 
_em_specimen.embedding_applied       NO 
_em_specimen.shadowing_applied       NO 
_em_specimen.details                 ? 
# 
_pdbx_coordinate_model.asym_id   A 
_pdbx_coordinate_model.type      'CA ATOMS ONLY' 
# 
_pdbx_initial_refinement_model.id               1 
_pdbx_initial_refinement_model.type             'experimental model' 
_pdbx_initial_refinement_model.source_name      PDB 
_pdbx_initial_refinement_model.accession_code   1PFO 
# 
_atom_sites.entry_id                    2BK2 
_atom_sites.fract_transf_matrix[1][1]   1.000000 
_atom_sites.fract_transf_matrix[1][2]   0.000000 
_atom_sites.fract_transf_matrix[1][3]   0.000000 
_atom_sites.fract_transf_matrix[2][1]   0.000000 
_atom_sites.fract_transf_matrix[2][2]   1.000000 
_atom_sites.fract_transf_matrix[2][3]   0.000000 
_atom_sites.fract_transf_matrix[3][1]   0.000000 
_atom_sites.fract_transf_matrix[3][2]   0.000000 
_atom_sites.fract_transf_matrix[3][3]   1.000000 
_atom_sites.fract_transf_vector[1]      0.00000 
_atom_sites.fract_transf_vector[2]      0.00000 
_atom_sites.fract_transf_vector[3]      0.00000 
# 
_atom_type.symbol   C 
# 
loop_
_atom_site.group_PDB 
_atom_site.id 
_atom_site.type_symbol 
_atom_site.label_atom_id 
_atom_site.label_alt_id 
_atom_site.label_comp_id 
_atom_site.label_asym_id 
_atom_site.label_entity_id 
_atom_site.label_seq_id 
_atom_site.pdbx_PDB_ins_code 
_atom_site.Cartn_x 
_atom_site.Cartn_y 
_atom_site.Cartn_z 
_atom_site.occupancy 
_atom_site.B_iso_or_equiv 
_atom_site.pdbx_formal_charge 
_atom_site.auth_seq_id 
_atom_site.auth_comp_id 
_atom_site.auth_asym_id 
_atom_site.auth_atom_id 
_atom_site.pdbx_PDB_model_num 
ATOM 1   C CA . GLN A 1 1   ? 30.233  -18.158 33.270  1.00 99.99 ? 36  GLN A CA 1 
ATOM 2   C CA . SER A 1 2   ? 27.371  -20.473 32.517  1.00 90.41 ? 37  SER A CA 1 
ATOM 3   C CA . ILE A 1 3   ? 25.664  -20.153 29.189  1.00 81.83 ? 38  ILE A CA 1 
ATOM 4   C CA . ASP A 1 4   ? 22.443  -20.020 31.276  1.00 76.48 ? 39  ASP A CA 1 
ATOM 5   C CA . SER A 1 5   ? 23.603  -17.242 33.642  1.00 76.85 ? 40  SER A CA 1 
ATOM 6   C CA . GLY A 1 6   ? 25.512  -15.663 30.806  1.00 73.00 ? 41  GLY A CA 1 
ATOM 7   C CA . ILE A 1 7   ? 22.239  -15.564 28.880  1.00 68.70 ? 42  ILE A CA 1 
ATOM 8   C CA . SER A 1 8   ? 20.006  -14.904 31.927  1.00 72.32 ? 43  SER A CA 1 
ATOM 9   C CA . SER A 1 9   ? 22.104  -11.990 33.102  1.00 70.79 ? 44  SER A CA 1 
ATOM 10  C CA . LEU A 1 10  ? 21.623  -10.260 29.766  1.00 65.19 ? 45  LEU A CA 1 
ATOM 11  C CA . SER A 1 11  ? 19.518  -7.127  30.138  1.00 64.65 ? 46  SER A CA 1 
ATOM 12  C CA . TYR A 1 12  ? 17.440  -5.949  27.191  1.00 59.90 ? 47  TYR A CA 1 
ATOM 13  C CA . ASN A 1 13  ? 14.023  -4.611  26.238  1.00 64.40 ? 48  ASN A CA 1 
ATOM 14  C CA . ARG A 1 14  ? 12.491  -7.368  24.155  1.00 64.35 ? 49  ARG A CA 1 
ATOM 15  C CA . ASN A 1 15  ? 9.952   -4.914  22.748  1.00 61.54 ? 50  ASN A CA 1 
ATOM 16  C CA . GLU A 1 16  ? 12.592  -2.400  21.712  1.00 58.08 ? 51  GLU A CA 1 
ATOM 17  C CA . VAL A 1 17  ? 15.526  -4.469  20.400  1.00 51.18 ? 52  VAL A CA 1 
ATOM 18  C CA . LEU A 1 18  ? 13.899  -5.424  17.093  1.00 52.64 ? 53  LEU A CA 1 
ATOM 19  C CA . ALA A 1 19  ? 11.744  -2.349  16.552  1.00 62.98 ? 54  ALA A CA 1 
ATOM 20  C CA . SER A 1 20  ? 12.119  0.111   13.688  1.00 69.35 ? 55  SER A CA 1 
ATOM 21  C CA . ASN A 1 21  ? 10.320  3.435   13.332  1.00 79.20 ? 56  ASN A CA 1 
ATOM 22  C CA . GLY A 1 22  ? 9.997   4.440   9.689   1.00 76.74 ? 57  GLY A CA 1 
ATOM 23  C CA . ASP A 1 23  ? 9.854   8.028   8.440   1.00 81.15 ? 58  ASP A CA 1 
ATOM 24  C CA . LYS A 1 24  ? 8.239   10.135  11.149  1.00 87.90 ? 59  LYS A CA 1 
ATOM 25  C CA . ILE A 1 25  ? 7.400   13.227  9.167   1.00 90.56 ? 60  ILE A CA 1 
ATOM 26  C CA . GLU A 1 26  ? 5.444   16.549  9.048   1.00 93.40 ? 61  GLU A CA 1 
ATOM 27  C CA . SER A 1 27  ? 4.948   18.974  6.039   1.00 88.16 ? 62  SER A CA 1 
ATOM 28  C CA . PHE A 1 28  ? 2.042   19.135  3.465   1.00 75.10 ? 63  PHE A CA 1 
ATOM 29  C CA . VAL A 1 29  ? -0.921  21.078  1.966   1.00 59.75 ? 64  VAL A CA 1 
ATOM 30  C CA . PRO A 1 30  ? -4.408  19.815  2.873   1.00 49.78 ? 65  PRO A CA 1 
ATOM 31  C CA . LYS A 1 31  ? -6.043  20.430  -0.534  1.00 46.69 ? 66  LYS A CA 1 
ATOM 32  C CA . GLU A 1 32  ? -4.622  21.150  -3.994  1.00 47.93 ? 67  GLU A CA 1 
ATOM 33  C CA . GLY A 1 33  ? -5.798  21.841  -7.536  1.00 52.05 ? 68  GLY A CA 1 
ATOM 34  C CA . LYS A 1 34  ? -3.626  20.714  -10.432 1.00 51.06 ? 69  LYS A CA 1 
ATOM 35  C CA . LYS A 1 35  ? -4.132  20.933  -14.200 1.00 47.84 ? 70  LYS A CA 1 
ATOM 36  C CA . ALA A 1 36  ? -2.619  18.228  -16.380 1.00 43.64 ? 71  ALA A CA 1 
ATOM 37  C CA . GLY A 1 37  ? -3.532  18.047  -20.037 1.00 50.62 ? 72  GLY A CA 1 
ATOM 38  C CA . ASN A 1 38  ? -7.290  18.307  -20.449 1.00 52.04 ? 73  ASN A CA 1 
ATOM 39  C CA . LYS A 1 39  ? -7.880  17.534  -16.760 1.00 44.65 ? 74  LYS A CA 1 
ATOM 40  C CA . PHE A 1 40  ? -8.088  19.118  -13.293 1.00 39.44 ? 75  PHE A CA 1 
ATOM 41  C CA . ILE A 1 41  ? -6.961  16.989  -10.350 1.00 35.78 ? 76  ILE A CA 1 
ATOM 42  C CA . VAL A 1 42  ? -8.034  17.808  -6.802  1.00 37.89 ? 77  VAL A CA 1 
ATOM 43  C CA . VAL A 1 43  ? -5.905  16.124  -4.165  1.00 37.46 ? 78  VAL A CA 1 
ATOM 44  C CA . GLU A 1 44  ? -6.715  15.948  -0.456  1.00 44.38 ? 79  GLU A CA 1 
ATOM 45  C CA . ARG A 1 45  ? -4.227  14.963  2.239   1.00 47.98 ? 80  ARG A CA 1 
ATOM 46  C CA . GLN A 1 46  ? -4.689  13.464  5.694   1.00 52.55 ? 81  GLN A CA 1 
ATOM 47  C CA . LYS A 1 47  ? -1.909  12.259  7.971   1.00 43.70 ? 82  LYS A CA 1 
ATOM 48  C CA . ARG A 1 48  ? -2.203  8.638   9.058   1.00 38.38 ? 83  ARG A CA 1 
ATOM 49  C CA . SER A 1 49  ? -0.234  6.406   11.443  1.00 39.66 ? 84  SER A CA 1 
ATOM 50  C CA . LEU A 1 50  ? 0.419   2.667   11.226  1.00 44.16 ? 85  LEU A CA 1 
ATOM 51  C CA . THR A 1 51  ? 1.683   0.384   14.026  1.00 43.90 ? 86  THR A CA 1 
ATOM 52  C CA . THR A 1 52  ? 2.725   -3.243  13.559  1.00 49.17 ? 87  THR A CA 1 
ATOM 53  C CA . SER A 1 53  ? 4.232   -6.083  15.560  1.00 46.31 ? 88  SER A CA 1 
ATOM 54  C CA . PRO A 1 54  ? 4.536   -9.015  13.215  1.00 43.96 ? 89  PRO A CA 1 
ATOM 55  C CA . VAL A 1 55  ? 5.879   -12.251 14.690  1.00 38.54 ? 90  VAL A CA 1 
ATOM 56  C CA . ASP A 1 56  ? 5.961   -13.961 11.293  1.00 38.60 ? 91  ASP A CA 1 
ATOM 57  C CA . ILE A 1 57  ? 9.085   -12.645 9.588   1.00 36.14 ? 92  ILE A CA 1 
ATOM 58  C CA . SER A 1 58  ? 9.330   -12.507 5.813   1.00 38.16 ? 93  SER A CA 1 
ATOM 59  C CA . ILE A 1 59  ? 12.299  -14.211 4.165   1.00 35.84 ? 94  ILE A CA 1 
ATOM 60  C CA . ILE A 1 60  ? 14.042  -12.534 1.223   1.00 50.82 ? 95  ILE A CA 1 
ATOM 61  C CA . ASP A 1 61  ? 16.191  -15.046 -0.694  1.00 69.54 ? 96  ASP A CA 1 
ATOM 62  C CA . SER A 1 62  ? 14.009  -18.174 -0.577  1.00 76.11 ? 97  SER A CA 1 
ATOM 63  C CA . VAL A 1 63  ? 16.618  -20.555 -2.050  1.00 81.34 ? 98  VAL A CA 1 
ATOM 64  C CA . ASN A 1 64  ? 19.751  -19.084 -0.469  1.00 80.15 ? 99  ASN A CA 1 
ATOM 65  C CA . ASP A 1 65  ? 18.207  -18.240 2.850   1.00 77.45 ? 100 ASP A CA 1 
ATOM 66  C CA . ARG A 1 66  ? 19.475  -21.043 4.996   1.00 62.40 ? 101 ARG A CA 1 
ATOM 67  C CA . THR A 1 67  ? 16.907  -20.440 7.713   1.00 49.64 ? 102 THR A CA 1 
ATOM 68  C CA . TYR A 1 68  ? 15.832  -23.635 9.405   1.00 41.23 ? 103 TYR A CA 1 
ATOM 69  C CA . PRO A 1 69  ? 13.732  -24.485 12.440  1.00 37.84 ? 104 PRO A CA 1 
ATOM 70  C CA . GLY A 1 70  ? 16.110  -24.698 15.374  1.00 40.32 ? 105 GLY A CA 1 
ATOM 71  C CA . ALA A 1 71  ? 18.702  -22.153 14.220  1.00 40.05 ? 106 ALA A CA 1 
ATOM 72  C CA . LEU A 1 72  ? 20.372  -19.449 16.365  1.00 39.57 ? 107 LEU A CA 1 
ATOM 73  C CA . GLN A 1 73  ? 20.203  -15.781 15.412  1.00 41.20 ? 108 GLN A CA 1 
ATOM 74  C CA . LEU A 1 74  ? 21.019  -12.435 16.966  1.00 44.76 ? 109 LEU A CA 1 
ATOM 75  C CA . ALA A 1 75  ? 18.231  -9.936  17.555  1.00 43.61 ? 110 ALA A CA 1 
ATOM 76  C CA . ASP A 1 76  ? 19.332  -6.622  16.062  1.00 49.98 ? 111 ASP A CA 1 
ATOM 77  C CA . LYS A 1 77  ? 18.981  -4.257  13.089  1.00 50.85 ? 112 LYS A CA 1 
ATOM 78  C CA . ALA A 1 78  ? 20.373  -6.913  10.743  1.00 45.29 ? 113 ALA A CA 1 
ATOM 79  C CA . PHE A 1 79  ? 17.511  -9.277  11.568  1.00 41.47 ? 114 PHE A CA 1 
ATOM 80  C CA . VAL A 1 80  ? 15.124  -6.383  10.986  1.00 45.52 ? 115 VAL A CA 1 
ATOM 81  C CA . GLU A 1 81  ? 16.730  -5.756  7.573   1.00 46.70 ? 116 GLU A CA 1 
ATOM 82  C CA . ASN A 1 82  ? 15.849  -9.348  6.563   1.00 46.92 ? 117 ASN A CA 1 
ATOM 83  C CA . ARG A 1 83  ? 19.456  -10.557 6.701   1.00 45.52 ? 118 ARG A CA 1 
ATOM 84  C CA . PRO A 1 84  ? 19.939  -11.908 10.270  1.00 45.34 ? 119 PRO A CA 1 
ATOM 85  C CA . THR A 1 85  ? 23.276  -13.001 11.730  1.00 46.64 ? 120 THR A CA 1 
ATOM 86  C CA . ILE A 1 86  ? 23.465  -16.758 12.237  1.00 53.51 ? 121 ILE A CA 1 
ATOM 87  C CA . LEU A 1 87  ? 25.449  -18.394 15.048  1.00 54.17 ? 122 LEU A CA 1 
ATOM 88  C CA . MET A 1 88  ? 27.071  -21.799 14.603  1.00 59.98 ? 123 MET A CA 1 
ATOM 89  C CA . VAL A 1 89  ? 28.402  -23.968 17.424  1.00 61.75 ? 124 VAL A CA 1 
ATOM 90  C CA . LYS A 1 90  ? 28.283  -27.653 18.402  1.00 67.63 ? 125 LYS A CA 1 
ATOM 91  C CA . ARG A 1 91  ? 24.671  -28.413 19.321  1.00 68.78 ? 126 ARG A CA 1 
ATOM 92  C CA . LYS A 1 92  ? 22.588  -30.877 21.314  1.00 65.63 ? 127 LYS A CA 1 
ATOM 93  C CA . PRO A 1 93  ? 19.769  -32.662 19.436  1.00 53.87 ? 128 PRO A CA 1 
ATOM 94  C CA . ILE A 1 94  ? 16.479  -30.899 18.735  1.00 47.59 ? 129 ILE A CA 1 
ATOM 95  C CA . ASN A 1 95  ? 12.943  -32.087 18.019  1.00 49.89 ? 130 ASN A CA 1 
ATOM 96  C CA . ILE A 1 96  ? 11.060  -30.839 14.962  1.00 43.93 ? 131 ILE A CA 1 
ATOM 97  C CA . ASN A 1 97  ? 7.350   -31.013 14.107  1.00 36.94 ? 132 ASN A CA 1 
ATOM 98  C CA . ILE A 1 98  ? 5.580   -30.402 10.797  1.00 36.45 ? 133 ILE A CA 1 
ATOM 99  C CA . SER A 1 99  ? 7.959   -35.471 14.946  1.00 45.53 ? 143 SER A CA 1 
ATOM 100 C CA . ILE A 1 100 ? 11.607  -36.399 14.577  1.00 48.80 ? 144 ILE A CA 1 
ATOM 101 C CA . LYS A 1 101 ? 14.738  -35.847 16.642  1.00 58.56 ? 145 LYS A CA 1 
ATOM 102 C CA . VAL A 1 102 ? 17.655  -34.209 14.835  1.00 61.85 ? 146 VAL A CA 1 
ATOM 103 C CA . ASP A 1 103 ? 20.914  -35.124 16.545  1.00 68.16 ? 147 ASP A CA 1 
ATOM 104 C CA . ASP A 1 104 ? 23.138  -32.671 14.683  1.00 67.91 ? 148 ASP A CA 1 
ATOM 105 C CA . PRO A 1 105 ? 21.036  -29.543 14.004  1.00 60.33 ? 149 PRO A CA 1 
ATOM 106 C CA . THR A 1 106 ? 22.564  -28.010 10.881  1.00 58.51 ? 150 THR A CA 1 
ATOM 107 C CA . TYR A 1 107 ? 20.786  -26.403 7.915   1.00 55.30 ? 151 TYR A CA 1 
ATOM 108 C CA . GLY A 1 108 ? 21.514  -29.494 5.835   1.00 52.75 ? 152 GLY A CA 1 
ATOM 109 C CA . LYS A 1 109 ? 20.779  -31.980 8.601   1.00 49.36 ? 153 LYS A CA 1 
ATOM 110 C CA . VAL A 1 110 ? 17.469  -30.383 9.611   1.00 41.82 ? 154 VAL A CA 1 
ATOM 111 C CA . SER A 1 111 ? 16.503  -30.053 5.928   1.00 44.17 ? 155 SER A CA 1 
ATOM 112 C CA . GLY A 1 112 ? 16.908  -33.797 5.637   1.00 47.19 ? 156 GLY A CA 1 
ATOM 113 C CA . ALA A 1 113 ? 14.854  -34.436 8.746   1.00 44.84 ? 157 ALA A CA 1 
ATOM 114 C CA . ILE A 1 114 ? 12.156  -32.184 7.300   1.00 40.59 ? 158 ILE A CA 1 
ATOM 115 C CA . ASP A 1 115 ? 12.408  -34.242 4.087   1.00 44.05 ? 159 ASP A CA 1 
ATOM 116 C CA . GLU A 1 116 ? 12.059  -37.394 6.180   1.00 45.80 ? 160 GLU A CA 1 
ATOM 117 C CA . LEU A 1 117 ? 8.887   -36.042 7.751   1.00 38.69 ? 161 LEU A CA 1 
ATOM 118 C CA . VAL A 1 118 ? 7.450   -35.137 4.341   1.00 41.65 ? 162 VAL A CA 1 
ATOM 119 C CA . SER A 1 119 ? 8.335   -38.604 3.018   1.00 51.51 ? 163 SER A CA 1 
ATOM 120 C CA . LYS A 1 120 ? 6.397   -40.075 5.939   1.00 50.15 ? 164 LYS A CA 1 
ATOM 121 C CA . TRP A 1 121 ? 3.334   -38.068 4.924   1.00 41.64 ? 165 TRP A CA 1 
ATOM 122 C CA . ASN A 1 122 ? 3.789   -39.210 1.312   1.00 48.04 ? 166 ASN A CA 1 
ATOM 123 C CA . GLU A 1 123 ? 4.138   -42.836 2.370   1.00 53.67 ? 167 GLU A CA 1 
ATOM 124 C CA . LYS A 1 124 ? 0.863   -42.573 4.291   1.00 49.36 ? 168 LYS A CA 1 
ATOM 125 C CA . TYR A 1 125 ? -0.984  -40.749 1.504   1.00 49.66 ? 169 TYR A CA 1 
ATOM 126 C CA . SER A 1 126 ? 0.661   -42.369 -1.551  1.00 46.14 ? 170 SER A CA 1 
ATOM 127 C CA . SER A 1 127 ? -1.964  -41.355 -4.120  1.00 40.03 ? 171 SER A CA 1 
ATOM 128 C CA . THR A 1 128 ? -2.162  -37.665 -3.138  1.00 39.59 ? 172 THR A CA 1 
ATOM 129 C CA . HIS A 1 129 ? 0.734   -35.913 -4.938  1.00 38.29 ? 173 HIS A CA 1 
ATOM 130 C CA . THR A 1 130 ? -0.489  -32.325 -4.769  1.00 35.89 ? 174 THR A CA 1 
ATOM 131 C CA . LEU A 1 131 ? -2.488  -30.421 -2.160  1.00 33.61 ? 175 LEU A CA 1 
ATOM 132 C CA . PRO A 1 132 ? -4.070  -26.969 -2.162  1.00 32.17 ? 176 PRO A CA 1 
ATOM 133 C CA . ALA A 1 133 ? -1.756  -24.396 -0.624  1.00 32.67 ? 177 ALA A CA 1 
ATOM 134 C CA . ARG A 1 134 ? -2.930  -22.369 2.364   1.00 29.47 ? 178 ARG A CA 1 
ATOM 135 C CA . THR A 1 135 ? -3.456  -19.022 0.673   1.00 26.97 ? 179 THR A CA 1 
ATOM 136 C CA . GLN A 1 136 ? -3.274  -15.803 2.675   1.00 30.03 ? 180 GLN A CA 1 
ATOM 137 C CA . TYR A 1 137 ? -4.459  -12.713 0.824   1.00 28.02 ? 181 TYR A CA 1 
ATOM 138 C CA . SER A 1 138 ? -3.308  -9.163  1.543   1.00 27.61 ? 182 SER A CA 1 
ATOM 139 C CA . GLU A 1 139 ? -4.384  -6.047  -0.333  1.00 27.16 ? 183 GLU A CA 1 
ATOM 140 C CA . SER A 1 140 ? -3.529  -2.368  -0.004  1.00 26.32 ? 184 SER A CA 1 
ATOM 141 C CA . MET A 1 141 ? -3.060  0.930   -1.816  1.00 29.05 ? 185 MET A CA 1 
ATOM 142 C CA . VAL A 1 142 ? 0.448   2.389   -1.901  1.00 31.70 ? 186 VAL A CA 1 
ATOM 143 C CA . TYR A 1 143 ? 1.208   5.793   -0.363  1.00 33.57 ? 187 TYR A CA 1 
ATOM 144 C CA . SER A 1 144 ? 4.815   5.566   0.844   1.00 35.26 ? 188 SER A CA 1 
ATOM 145 C CA . LYS A 1 145 ? 7.713   3.075   0.951   1.00 40.52 ? 189 LYS A CA 1 
ATOM 146 C CA . SER A 1 146 ? 7.403   2.712   4.751   1.00 41.42 ? 190 SER A CA 1 
ATOM 147 C CA . GLN A 1 147 ? 3.608   2.515   4.771   1.00 38.38 ? 191 GLN A CA 1 
ATOM 148 C CA . ILE A 1 148 ? 3.338   -0.291  2.208   1.00 33.20 ? 192 ILE A CA 1 
ATOM 149 C CA . SER A 1 149 ? 6.144   -2.379  3.738   1.00 36.27 ? 193 SER A CA 1 
ATOM 150 C CA . SER A 1 150 ? 4.561   -2.369  7.180   1.00 37.50 ? 194 SER A CA 1 
ATOM 151 C CA . ALA A 1 151 ? 1.141   -2.941  5.600   1.00 31.48 ? 195 ALA A CA 1 
ATOM 152 C CA . LEU A 1 152 ? 2.143   -6.014  3.535   1.00 30.30 ? 196 LEU A CA 1 
ATOM 153 C CA . ASN A 1 153 ? 4.934   -7.121  5.885   1.00 31.68 ? 197 ASN A CA 1 
ATOM 154 C CA . VAL A 1 154 ? 7.556   -7.269  3.134   1.00 33.41 ? 198 VAL A CA 1 
ATOM 155 C CA . ASN A 1 155 ? 10.939  -5.654  2.559   1.00 37.41 ? 199 ASN A CA 1 
ATOM 156 C CA . ALA A 1 156 ? 10.449  -2.441  0.571   1.00 40.56 ? 200 ALA A CA 1 
ATOM 157 C CA . LYS A 1 157 ? 13.269  -3.592  -1.739  1.00 48.69 ? 201 LYS A CA 1 
ATOM 158 C CA . VAL A 1 158 ? 11.155  -6.539  -2.894  1.00 42.23 ? 202 VAL A CA 1 
ATOM 159 C CA . LEU A 1 159 ? 8.359   -4.223  -4.069  1.00 44.15 ? 203 LEU A CA 1 
ATOM 160 C CA . GLU A 1 160 ? 10.690  -1.590  -5.488  1.00 46.40 ? 204 GLU A CA 1 
ATOM 161 C CA . ASN A 1 161 ? 12.880  -4.221  -7.184  1.00 42.40 ? 205 ASN A CA 1 
ATOM 162 C CA . SER A 1 162 ? 10.536  -7.036  -8.193  1.00 35.86 ? 206 SER A CA 1 
ATOM 163 C CA . LEU A 1 163 ? 7.280   -5.184  -8.872  1.00 31.37 ? 207 LEU A CA 1 
ATOM 164 C CA . GLY A 1 164 ? 9.070   -1.967  -9.656  1.00 35.58 ? 208 GLY A CA 1 
ATOM 165 C CA . VAL A 1 165 ? 7.036   0.596   -7.711  1.00 40.37 ? 209 VAL A CA 1 
ATOM 166 C CA . ASP A 1 166 ? 7.479   4.273   -8.681  1.00 42.49 ? 210 ASP A CA 1 
ATOM 167 C CA . PHE A 1 167 ? 7.333   5.790   -5.218  1.00 42.65 ? 211 PHE A CA 1 
ATOM 168 C CA . ASN A 1 168 ? 7.899   9.293   -6.547  1.00 49.28 ? 212 ASN A CA 1 
ATOM 169 C CA . ALA A 1 169 ? 4.988   9.069   -8.971  1.00 49.06 ? 213 ALA A CA 1 
ATOM 170 C CA . VAL A 1 170 ? 2.783   7.825   -6.115  1.00 46.35 ? 214 VAL A CA 1 
ATOM 171 C CA . ALA A 1 171 ? 4.046   10.697  -3.962  1.00 49.94 ? 215 ALA A CA 1 
ATOM 172 C CA . ASN A 1 172 ? 3.169   13.313  -6.599  1.00 54.88 ? 216 ASN A CA 1 
ATOM 173 C CA . ASN A 1 173 ? -0.058  11.409  -7.181  1.00 55.66 ? 217 ASN A CA 1 
ATOM 174 C CA . GLU A 1 174 ? 0.908   10.845  -10.823 1.00 49.01 ? 218 GLU A CA 1 
ATOM 175 C CA . LYS A 1 175 ? 0.169   7.119   -10.517 1.00 45.96 ? 219 LYS A CA 1 
ATOM 176 C CA . LYS A 1 176 ? -2.192  5.261   -8.174  1.00 38.04 ? 220 LYS A CA 1 
ATOM 177 C CA . VAL A 1 177 ? -0.898  1.855   -7.140  1.00 31.57 ? 221 VAL A CA 1 
ATOM 178 C CA . MET A 1 178 ? -2.521  -1.108  -5.432  1.00 30.76 ? 222 MET A CA 1 
ATOM 179 C CA . ILE A 1 179 ? -0.569  -4.164  -4.342  1.00 28.28 ? 223 ILE A CA 1 
ATOM 180 C CA . LEU A 1 180 ? -1.888  -7.684  -3.685  1.00 24.49 ? 224 LEU A CA 1 
ATOM 181 C CA . ALA A 1 181 ? -0.026  -10.517 -2.005  1.00 22.80 ? 225 ALA A CA 1 
ATOM 182 C CA . TYR A 1 182 ? -1.037  -14.163 -2.244  1.00 22.66 ? 226 TYR A CA 1 
ATOM 183 C CA . LYS A 1 183 ? 1.042   -16.036 0.317   1.00 25.77 ? 227 LYS A CA 1 
ATOM 184 C CA . GLN A 1 184 ? 1.002   -19.771 -0.440  1.00 27.11 ? 228 GLN A CA 1 
ATOM 185 C CA . ILE A 1 185 ? 1.949   -21.839 2.611   1.00 29.56 ? 229 ILE A CA 1 
ATOM 186 C CA . PHE A 1 186 ? 2.571   -25.539 1.962   1.00 32.83 ? 230 PHE A CA 1 
ATOM 187 C CA . TYR A 1 187 ? 3.266   -26.374 5.639   1.00 31.19 ? 231 TYR A CA 1 
ATOM 188 C CA . THR A 1 188 ? 5.373   -25.078 8.541   1.00 32.62 ? 232 THR A CA 1 
ATOM 189 C CA . VAL A 1 189 ? 7.979   -26.823 10.725  1.00 34.56 ? 233 VAL A CA 1 
ATOM 190 C CA . SER A 1 190 ? 8.590   -25.913 14.359  1.00 39.45 ? 234 SER A CA 1 
ATOM 191 C CA . ALA A 1 191 ? 11.331  -26.728 16.853  1.00 41.06 ? 235 ALA A CA 1 
ATOM 192 C CA . ASP A 1 192 ? 10.573  -27.686 20.457  1.00 45.72 ? 236 ASP A CA 1 
ATOM 193 C CA . LEU A 1 193 ? 11.601  -24.863 22.755  1.00 51.46 ? 237 LEU A CA 1 
ATOM 194 C CA . PRO A 1 194 ? 14.374  -25.863 25.245  1.00 57.09 ? 238 PRO A CA 1 
ATOM 195 C CA . LYS A 1 195 ? 13.757  -25.241 28.955  1.00 64.04 ? 239 LYS A CA 1 
ATOM 196 C CA . ASN A 1 196 ? 17.278  -23.959 29.307  1.00 64.78 ? 240 ASN A CA 1 
ATOM 197 C CA . PRO A 1 197 ? 19.580  -22.157 26.829  1.00 61.87 ? 241 PRO A CA 1 
ATOM 198 C CA . SER A 1 198 ? 22.237  -24.765 27.745  1.00 61.60 ? 242 SER A CA 1 
ATOM 199 C CA . ASP A 1 199 ? 20.159  -27.719 26.489  1.00 60.58 ? 243 ASP A CA 1 
ATOM 200 C CA . LEU A 1 200 ? 20.635  -26.329 22.961  1.00 56.94 ? 244 LEU A CA 1 
ATOM 201 C CA . PHE A 1 201 ? 24.403  -25.976 23.244  1.00 64.91 ? 245 PHE A CA 1 
ATOM 202 C CA . ASP A 1 202 ? 26.890  -28.790 23.326  1.00 71.39 ? 246 ASP A CA 1 
ATOM 203 C CA . ASP A 1 203 ? 28.679  -28.654 26.673  1.00 77.65 ? 247 ASP A CA 1 
ATOM 204 C CA . SER A 1 204 ? 32.008  -27.575 25.129  1.00 74.26 ? 248 SER A CA 1 
ATOM 205 C CA . VAL A 1 205 ? 30.515  -24.226 24.133  1.00 72.03 ? 249 VAL A CA 1 
ATOM 206 C CA . THR A 1 206 ? 31.108  -21.446 26.660  1.00 71.67 ? 250 THR A CA 1 
ATOM 207 C CA . PHE A 1 207 ? 29.301  -18.162 27.169  1.00 73.20 ? 251 PHE A CA 1 
ATOM 208 C CA . ASN A 1 208 ? 32.536  -16.633 25.898  1.00 76.14 ? 252 ASN A CA 1 
ATOM 209 C CA . ASP A 1 209 ? 32.210  -18.245 22.481  1.00 72.82 ? 253 ASP A CA 1 
ATOM 210 C CA . LEU A 1 210 ? 28.711  -16.740 22.272  1.00 63.60 ? 254 LEU A CA 1 
ATOM 211 C CA . LYS A 1 211 ? 29.801  -13.171 23.041  1.00 62.30 ? 255 LYS A CA 1 
ATOM 212 C CA . GLN A 1 212 ? 32.683  -13.662 20.641  1.00 67.75 ? 256 GLN A CA 1 
ATOM 213 C CA . LYS A 1 213 ? 30.065  -14.633 18.046  1.00 57.09 ? 257 LYS A CA 1 
ATOM 214 C CA . GLY A 1 214 ? 28.154  -11.421 18.713  1.00 48.72 ? 258 GLY A CA 1 
ATOM 215 C CA . VAL A 1 215 ? 25.864  -11.990 21.681  1.00 46.13 ? 259 VAL A CA 1 
ATOM 216 C CA . SER A 1 216 ? 25.442  -8.858  23.770  1.00 51.08 ? 260 SER A CA 1 
ATOM 217 C CA . ASN A 1 217 ? 22.756  -6.655  25.353  1.00 56.48 ? 261 ASN A CA 1 
ATOM 218 C CA . GLU A 1 218 ? 21.759  -5.140  22.011  1.00 58.44 ? 262 GLU A CA 1 
ATOM 219 C CA . ALA A 1 219 ? 22.239  -8.457  20.217  1.00 40.61 ? 263 ALA A CA 1 
ATOM 220 C CA . PRO A 1 220 ? 20.237  -10.929 22.390  1.00 37.98 ? 264 PRO A CA 1 
ATOM 221 C CA . PRO A 1 221 ? 20.356  -14.634 21.395  1.00 42.57 ? 265 PRO A CA 1 
ATOM 222 C CA . LEU A 1 222 ? 17.408  -16.265 19.604  1.00 40.43 ? 266 LEU A CA 1 
ATOM 223 C CA . MET A 1 223 ? 16.242  -19.582 18.218  1.00 37.86 ? 267 MET A CA 1 
ATOM 224 C CA . VAL A 1 224 ? 14.128  -20.043 15.106  1.00 37.58 ? 268 VAL A CA 1 
ATOM 225 C CA . SER A 1 225 ? 10.987  -21.795 16.385  1.00 38.53 ? 269 SER A CA 1 
ATOM 226 C CA . ASN A 1 226 ? 8.880   -21.733 13.209  1.00 37.35 ? 270 ASN A CA 1 
ATOM 227 C CA . VAL A 1 227 ? 9.496   -21.740 9.468   1.00 29.33 ? 271 VAL A CA 1 
ATOM 228 C CA . ALA A 1 228 ? 6.783   -21.471 6.805   1.00 27.48 ? 272 ALA A CA 1 
ATOM 229 C CA . TYR A 1 229 ? 7.500   -23.035 3.387   1.00 30.82 ? 273 TYR A CA 1 
ATOM 230 C CA . GLY A 1 230 ? 6.003   -22.216 -0.016  1.00 31.68 ? 274 GLY A CA 1 
ATOM 231 C CA . ARG A 1 231 ? 5.982   -19.183 -2.304  1.00 32.44 ? 275 ARG A CA 1 
ATOM 232 C CA . THR A 1 232 ? 4.309   -15.793 -2.761  1.00 28.56 ? 276 THR A CA 1 
ATOM 233 C CA . ILE A 1 233 ? 2.549   -14.113 -5.687  1.00 28.00 ? 277 ILE A CA 1 
ATOM 234 C CA . TYR A 1 234 ? 2.781   -10.341 -5.709  1.00 24.23 ? 278 TYR A CA 1 
ATOM 235 C CA . VAL A 1 235 ? 0.555   -8.261  -7.981  1.00 24.35 ? 279 VAL A CA 1 
ATOM 236 C CA . LYS A 1 236 ? 0.658   -4.559  -8.820  1.00 25.99 ? 280 LYS A CA 1 
ATOM 237 C CA . LEU A 1 237 ? -2.312  -2.675  -10.335 1.00 25.92 ? 281 LEU A CA 1 
ATOM 238 C CA . GLU A 1 238 ? -1.229  0.742   -11.598 1.00 32.89 ? 282 GLU A CA 1 
ATOM 239 C CA . THR A 1 239 ? -2.913  3.685   -13.331 1.00 27.18 ? 283 THR A CA 1 
ATOM 240 C CA . THR A 1 240 ? -2.384  7.306   -14.386 1.00 36.94 ? 284 THR A CA 1 
ATOM 241 C CA . SER A 1 241 ? -6.011  8.027   -13.582 1.00 36.42 ? 285 SER A CA 1 
ATOM 242 C CA . SER A 1 242 ? -6.517  10.371  -10.649 1.00 38.40 ? 286 SER A CA 1 
ATOM 243 C CA . SER A 1 243 ? -10.181 9.371   -10.548 1.00 35.82 ? 287 SER A CA 1 
ATOM 244 C CA . LYS A 1 244 ? -11.954 8.922   -7.234  1.00 36.31 ? 288 LYS A CA 1 
ATOM 245 C CA . ASP A 1 245 ? -12.941 5.455   -8.463  1.00 33.76 ? 289 ASP A CA 1 
ATOM 246 C CA . VAL A 1 246 ? -9.540  3.817   -9.028  1.00 32.17 ? 290 VAL A CA 1 
ATOM 247 C CA . GLN A 1 247 ? -9.662  1.649   -5.870  1.00 32.58 ? 291 GLN A CA 1 
ATOM 248 C CA . ALA A 1 248 ? -13.244 0.480   -6.537  1.00 33.72 ? 292 ALA A CA 1 
ATOM 249 C CA . ALA A 1 249 ? -12.444 -0.079  -10.211 1.00 33.63 ? 293 ALA A CA 1 
ATOM 250 C CA . PHE A 1 250 ? -9.412  -2.074  -9.184  1.00 33.70 ? 294 PHE A CA 1 
ATOM 251 C CA . LYS A 1 251 ? -11.385 -3.966  -6.495  1.00 33.64 ? 295 LYS A CA 1 
ATOM 252 C CA . ALA A 1 252 ? -14.100 -4.749  -9.047  1.00 33.80 ? 296 ALA A CA 1 
ATOM 253 C CA . LEU A 1 253 ? -11.556 -6.257  -11.470 1.00 32.00 ? 297 LEU A CA 1 
ATOM 254 C CA . ILE A 1 254 ? -9.957  -8.642  -8.944  1.00 34.03 ? 298 ILE A CA 1 
ATOM 255 C CA . LYS A 1 255 ? -13.380 -9.827  -7.780  1.00 39.24 ? 299 LYS A CA 1 
ATOM 256 C CA . ASN A 1 256 ? -14.575 -9.930  -11.381 1.00 46.57 ? 300 ASN A CA 1 
ATOM 257 C CA . THR A 1 257 ? -17.816 -8.211  -10.395 1.00 57.01 ? 301 THR A CA 1 
ATOM 258 C CA . ASP A 1 258 ? -20.071 -6.963  -13.210 1.00 66.43 ? 302 ASP A CA 1 
ATOM 259 C CA . ILE A 1 259 ? -19.459 -3.318  -12.263 1.00 65.60 ? 303 ILE A CA 1 
ATOM 260 C CA . LYS A 1 260 ? -16.125 -3.676  -14.095 1.00 64.33 ? 304 LYS A CA 1 
ATOM 261 C CA . ASN A 1 261 ? -17.976 -3.367  -17.406 1.00 67.67 ? 305 ASN A CA 1 
ATOM 262 C CA . SER A 1 262 ? -19.194 0.113   -16.493 1.00 68.31 ? 306 SER A CA 1 
ATOM 263 C CA . GLN A 1 263 ? -17.635 2.880   -18.541 1.00 67.45 ? 307 GLN A CA 1 
ATOM 264 C CA . GLN A 1 264 ? -16.047 4.958   -15.781 1.00 62.89 ? 308 GLN A CA 1 
ATOM 265 C CA . TYR A 1 265 ? -14.251 1.746   -14.890 1.00 49.88 ? 309 TYR A CA 1 
ATOM 266 C CA . LYS A 1 266 ? -13.291 0.675   -18.423 1.00 52.99 ? 310 LYS A CA 1 
ATOM 267 C CA . ASP A 1 267 ? -11.710 4.105   -18.919 1.00 50.26 ? 311 ASP A CA 1 
ATOM 268 C CA . ILE A 1 268 ? -9.552  3.575   -15.846 1.00 37.91 ? 312 ILE A CA 1 
ATOM 269 C CA . TYR A 1 269 ? -8.720  0.074   -17.044 1.00 40.33 ? 313 TYR A CA 1 
ATOM 270 C CA . GLU A 1 270 ? -7.621  1.562   -20.369 1.00 47.28 ? 314 GLU A CA 1 
ATOM 271 C CA . ASN A 1 271 ? -5.002  3.565   -18.449 1.00 39.32 ? 315 ASN A CA 1 
ATOM 272 C CA . SER A 1 272 ? -3.925  0.762   -16.087 1.00 33.10 ? 316 SER A CA 1 
ATOM 273 C CA . SER A 1 273 ? -1.280  -1.924  -16.252 1.00 31.24 ? 317 SER A CA 1 
ATOM 274 C CA . PHE A 1 274 ? -0.907  -5.046  -14.137 1.00 27.82 ? 318 PHE A CA 1 
ATOM 275 C CA . THR A 1 275 ? 2.301   -6.808  -13.106 1.00 27.16 ? 319 THR A CA 1 
ATOM 276 C CA . ALA A 1 276 ? 2.673   -10.242 -11.480 1.00 27.06 ? 320 ALA A CA 1 
ATOM 277 C CA . VAL A 1 277 ? 5.834   -11.875 -10.123 1.00 29.40 ? 321 VAL A CA 1 
ATOM 278 C CA . VAL A 1 278 ? 6.211   -15.161 -8.269  1.00 29.76 ? 322 VAL A CA 1 
ATOM 279 C CA . LEU A 1 279 ? 8.875   -15.267 -5.558  1.00 39.58 ? 323 LEU A CA 1 
ATOM 280 C CA . GLY A 1 280 ? 10.019  -18.198 -3.476  1.00 56.31 ? 324 GLY A CA 1 
ATOM 281 C CA . GLY A 1 281 ? 10.142  -21.907 -4.171  1.00 65.78 ? 325 GLY A CA 1 
ATOM 282 C CA . ASP A 1 282 ? 9.939   -23.552 -7.581  1.00 71.84 ? 326 ASP A CA 1 
ATOM 283 C CA . ALA A 1 283 ? 9.941   -20.347 -9.632  1.00 66.18 ? 327 ALA A CA 1 
ATOM 284 C CA . GLN A 1 284 ? 12.675  -19.366 -12.077 1.00 50.67 ? 328 GLN A CA 1 
ATOM 285 C CA . GLU A 1 285 ? 14.010  -16.120 -10.662 1.00 42.02 ? 329 GLU A CA 1 
ATOM 286 C CA . HIS A 1 286 ? 12.891  -12.808 -12.167 1.00 35.02 ? 330 HIS A CA 1 
ATOM 287 C CA . ASN A 1 287 ? 9.839   -14.285 -13.835 1.00 30.77 ? 331 ASN A CA 1 
ATOM 288 C CA . LYS A 1 288 ? 7.287   -11.608 -14.627 1.00 29.18 ? 332 LYS A CA 1 
ATOM 289 C CA . VAL A 1 289 ? 4.043   -10.787 -16.361 1.00 29.30 ? 333 VAL A CA 1 
ATOM 290 C CA . VAL A 1 290 ? 3.033   -7.286  -17.504 1.00 28.88 ? 334 VAL A CA 1 
ATOM 291 C CA . THR A 1 291 ? -0.420  -6.893  -19.106 1.00 33.78 ? 335 THR A CA 1 
ATOM 292 C CA . LYS A 1 292 ? -3.497  -4.780  -19.708 1.00 33.58 ? 336 LYS A CA 1 
ATOM 293 C CA . ASP A 1 293 ? -5.701  -7.880  -19.589 1.00 32.44 ? 337 ASP A CA 1 
ATOM 294 C CA . PHE A 1 294 ? -6.208  -8.931  -15.955 1.00 31.22 ? 338 PHE A CA 1 
ATOM 295 C CA . ASP A 1 295 ? -7.176  -12.441 -17.049 1.00 34.90 ? 339 ASP A CA 1 
ATOM 296 C CA . GLU A 1 296 ? -3.465  -13.121 -17.481 1.00 36.43 ? 340 GLU A CA 1 
ATOM 297 C CA . ILE A 1 297 ? -2.919  -12.119 -13.858 1.00 33.09 ? 341 ILE A CA 1 
ATOM 298 C CA . ARG A 1 298 ? -5.768  -14.370 -12.776 1.00 31.98 ? 342 ARG A CA 1 
ATOM 299 C CA . LYS A 1 299 ? -3.926  -17.233 -14.470 1.00 32.22 ? 343 LYS A CA 1 
ATOM 300 C CA . VAL A 1 300 ? -0.660  -16.650 -12.546 1.00 33.39 ? 344 VAL A CA 1 
ATOM 301 C CA . ILE A 1 301 ? -2.593  -16.549 -9.234  1.00 32.22 ? 345 ILE A CA 1 
ATOM 302 C CA . LYS A 1 302 ? -4.511  -19.732 -10.149 1.00 33.61 ? 346 LYS A CA 1 
ATOM 303 C CA . ASP A 1 303 ? -1.468  -21.657 -11.432 1.00 32.80 ? 347 ASP A CA 1 
ATOM 304 C CA . ASN A 1 304 ? 0.722   -20.999 -8.412  1.00 34.20 ? 348 ASN A CA 1 
ATOM 305 C CA . ALA A 1 305 ? -1.553  -22.139 -5.594  1.00 34.20 ? 349 ALA A CA 1 
ATOM 306 C CA . THR A 1 306 ? -0.729  -25.877 -5.763  1.00 33.42 ? 350 THR A CA 1 
ATOM 307 C CA . PHE A 1 307 ? 1.707   -27.695 -3.518  1.00 34.75 ? 351 PHE A CA 1 
ATOM 308 C CA . SER A 1 308 ? 3.445   -30.694 -5.040  1.00 36.66 ? 352 SER A CA 1 
ATOM 309 C CA . THR A 1 309 ? 4.300   -32.933 -2.102  1.00 38.40 ? 353 THR A CA 1 
ATOM 310 C CA . LYS A 1 310 ? 7.050   -34.674 -4.065  1.00 43.40 ? 354 LYS A CA 1 
ATOM 311 C CA . ASN A 1 311 ? 8.957   -31.492 -5.008  1.00 41.32 ? 355 ASN A CA 1 
ATOM 312 C CA . PRO A 1 312 ? 11.310  -29.535 -2.715  1.00 41.41 ? 356 PRO A CA 1 
ATOM 313 C CA . ALA A 1 313 ? 9.962   -26.552 -0.751  1.00 34.76 ? 357 ALA A CA 1 
ATOM 314 C CA . TYR A 1 314 ? 11.799  -23.478 0.546   1.00 38.32 ? 358 TYR A CA 1 
ATOM 315 C CA . PRO A 1 315 ? 11.400  -21.164 3.564   1.00 37.20 ? 359 PRO A CA 1 
ATOM 316 C CA . ILE A 1 316 ? 9.134   -18.194 2.945   1.00 32.53 ? 360 ILE A CA 1 
ATOM 317 C CA . SER A 1 317 ? 8.980   -16.745 6.471   1.00 27.27 ? 361 SER A CA 1 
ATOM 318 C CA . TYR A 1 318 ? 9.697   -17.679 10.089  1.00 32.15 ? 362 TYR A CA 1 
ATOM 319 C CA . THR A 1 319 ? 9.266   -16.760 13.758  1.00 42.51 ? 363 THR A CA 1 
ATOM 320 C CA . SER A 1 320 ? 11.845  -16.584 16.539  1.00 40.98 ? 364 SER A CA 1 
ATOM 321 C CA . VAL A 1 321 ? 11.996  -16.962 20.306  1.00 43.27 ? 365 VAL A CA 1 
ATOM 322 C CA . PHE A 1 322 ? 14.356  -15.104 22.658  1.00 44.95 ? 366 PHE A CA 1 
ATOM 323 C CA . LEU A 1 323 ? 16.683  -17.495 24.478  1.00 46.79 ? 367 LEU A CA 1 
ATOM 324 C CA . LYS A 1 324 ? 16.246  -15.449 27.677  1.00 50.56 ? 368 LYS A CA 1 
ATOM 325 C CA . ASP A 1 325 ? 12.541  -15.709 28.469  1.00 51.74 ? 369 ASP A CA 1 
ATOM 326 C CA . ASN A 1 326 ? 11.807  -18.091 25.590  1.00 42.34 ? 370 ASN A CA 1 
ATOM 327 C CA . SER A 1 327 ? 9.237   -15.553 24.367  1.00 42.90 ? 371 SER A CA 1 
ATOM 328 C CA . VAL A 1 328 ? 8.238   -14.982 20.735  1.00 41.75 ? 372 VAL A CA 1 
ATOM 329 C CA . ALA A 1 329 ? 10.259  -12.205 19.088  1.00 42.29 ? 373 ALA A CA 1 
ATOM 330 C CA . ALA A 1 330 ? 8.350   -9.433  17.306  1.00 47.04 ? 374 ALA A CA 1 
ATOM 331 C CA . VAL A 1 331 ? 9.498   -6.568  15.072  1.00 45.67 ? 375 VAL A CA 1 
ATOM 332 C CA . HIS A 1 332 ? 7.827   -3.351  16.098  1.00 47.09 ? 376 HIS A CA 1 
ATOM 333 C CA . ASN A 1 333 ? 7.170   -0.798  13.383  1.00 43.52 ? 377 ASN A CA 1 
ATOM 334 C CA . LYS A 1 334 ? 5.588   2.631   13.724  1.00 47.10 ? 378 LYS A CA 1 
ATOM 335 C CA . THR A 1 335 ? 5.280   5.041   10.801  1.00 51.00 ? 379 THR A CA 1 
ATOM 336 C CA . ASP A 1 336 ? 3.228   8.003   9.708   1.00 47.41 ? 380 ASP A CA 1 
ATOM 337 C CA . TYR A 1 337 ? 2.354   8.653   6.088   1.00 36.63 ? 381 TYR A CA 1 
ATOM 338 C CA . ILE A 1 338 ? 0.267   10.964  3.980   1.00 38.61 ? 382 ILE A CA 1 
ATOM 339 C CA . GLU A 1 339 ? -2.938  9.495   2.659   1.00 42.83 ? 383 GLU A CA 1 
ATOM 340 C CA . THR A 1 340 ? -4.089  11.061  -0.584  1.00 44.29 ? 384 THR A CA 1 
ATOM 341 C CA . THR A 1 341 ? -7.557  11.011  -2.147  1.00 44.91 ? 385 THR A CA 1 
ATOM 342 C CA . SER A 1 342 ? -8.161  12.592  -5.533  1.00 42.59 ? 386 SER A CA 1 
ATOM 343 C CA . THR A 1 343 ? -10.912 13.528  -7.958  1.00 40.46 ? 387 THR A CA 1 
ATOM 344 C CA . GLU A 1 344 ? -10.503 14.017  -11.682 1.00 35.79 ? 388 GLU A CA 1 
ATOM 345 C CA . TYR A 1 345 ? -12.376 16.635  -13.706 1.00 36.96 ? 389 TYR A CA 1 
ATOM 346 C CA . SER A 1 346 ? -12.337 16.968  -17.452 1.00 42.67 ? 390 SER A CA 1 
ATOM 347 C CA . LYS A 1 347 ? -10.502 22.365  -14.875 1.00 39.74 ? 391 LYS A CA 1 
ATOM 348 C CA . GLY A 1 348 ? -14.169 23.290  -15.101 1.00 36.06 ? 392 GLY A CA 1 
ATOM 349 C CA . LYS A 1 349 ? -16.586 25.539  -16.965 1.00 39.02 ? 393 LYS A CA 1 
ATOM 350 C CA . ILE A 1 350 ? -19.535 27.776  -16.088 1.00 31.80 ? 394 ILE A CA 1 
ATOM 351 C CA . ASN A 1 351 ? -22.569 27.367  -18.350 1.00 37.10 ? 395 ASN A CA 1 
ATOM 352 C CA . LEU A 1 352 ? -24.999 30.289  -18.507 1.00 34.47 ? 396 LEU A CA 1 
ATOM 353 C CA . ASP A 1 353 ? -28.502 29.945  -19.979 1.00 38.00 ? 397 ASP A CA 1 
ATOM 354 C CA . HIS A 1 354 ? -30.882 32.884  -20.104 1.00 38.37 ? 398 HIS A CA 1 
ATOM 355 C CA . SER A 1 355 ? -34.395 31.994  -21.231 1.00 39.17 ? 399 SER A CA 1 
ATOM 356 C CA . GLY A 1 356 ? -36.154 34.631  -19.155 1.00 36.17 ? 400 GLY A CA 1 
ATOM 357 C CA . ALA A 1 357 ? -38.668 37.108  -20.529 1.00 33.72 ? 401 ALA A CA 1 
ATOM 358 C CA . TYR A 1 358 ? -36.487 40.078  -19.564 1.00 31.59 ? 402 TYR A CA 1 
ATOM 359 C CA . VAL A 1 359 ? -33.134 41.780  -20.073 1.00 31.83 ? 403 VAL A CA 1 
ATOM 360 C CA . ALA A 1 360 ? -30.455 40.637  -17.643 1.00 29.84 ? 404 ALA A CA 1 
ATOM 361 C CA . GLN A 1 361 ? -26.835 41.336  -16.826 1.00 25.58 ? 405 GLN A CA 1 
ATOM 362 C CA . PHE A 1 362 ? -24.262 39.057  -15.280 1.00 26.27 ? 406 PHE A CA 1 
ATOM 363 C CA . GLU A 1 363 ? -21.341 39.392  -12.995 1.00 27.26 ? 407 GLU A CA 1 
ATOM 364 C CA . VAL A 1 364 ? -18.972 36.460  -12.945 1.00 26.76 ? 408 VAL A CA 1 
ATOM 365 C CA . ALA A 1 365 ? -15.710 36.751  -11.029 1.00 25.38 ? 409 ALA A CA 1 
ATOM 366 C CA . TRP A 1 366 ? -13.124 34.481  -9.445  1.00 26.91 ? 410 TRP A CA 1 
ATOM 367 C CA . ASP A 1 367 ? -9.513  34.283  -8.322  1.00 34.42 ? 411 ASP A CA 1 
ATOM 368 C CA . GLU A 1 368 ? -6.656  32.161  -9.639  1.00 37.51 ? 412 GLU A CA 1 
ATOM 369 C CA . VAL A 1 369 ? -4.374  30.885  -6.877  1.00 38.86 ? 413 VAL A CA 1 
ATOM 370 C CA . SER A 1 370 ? -0.614  30.350  -6.933  1.00 38.79 ? 414 SER A CA 1 
ATOM 371 C CA . TYR A 1 371 ? 2.077   30.164  -4.244  1.00 40.52 ? 415 TYR A CA 1 
ATOM 372 C CA . ASP A 1 372 ? 5.132   32.355  -3.842  1.00 51.58 ? 416 ASP A CA 1 
ATOM 373 C CA . LYS A 1 373 ? 8.585   30.957  -2.996  1.00 61.35 ? 417 LYS A CA 1 
ATOM 374 C CA . GLU A 1 374 ? 7.504   31.132  0.660   1.00 64.27 ? 418 GLU A CA 1 
ATOM 375 C CA . GLY A 1 375 ? 4.613   28.770  -0.049  1.00 56.27 ? 419 GLY A CA 1 
ATOM 376 C CA . ASN A 1 376 ? 2.212   31.661  0.522   1.00 54.47 ? 420 ASN A CA 1 
ATOM 377 C CA . GLU A 1 377 ? -0.983  32.095  -1.476  1.00 48.01 ? 421 GLU A CA 1 
ATOM 378 C CA . VAL A 1 378 ? -1.296  34.694  -4.205  1.00 43.15 ? 422 VAL A CA 1 
ATOM 379 C CA . LEU A 1 379 ? -4.706  35.484  -5.641  1.00 40.65 ? 423 LEU A CA 1 
ATOM 380 C CA . THR A 1 380 ? -5.182  37.018  -9.066  1.00 38.91 ? 424 THR A CA 1 
ATOM 381 C CA . HIS A 1 381 ? -8.673  38.375  -9.715  1.00 39.95 ? 425 HIS A CA 1 
ATOM 382 C CA . LYS A 1 382 ? -10.436 37.509  -12.983 1.00 33.96 ? 426 LYS A CA 1 
ATOM 383 C CA . THR A 1 383 ? -13.807 38.468  -14.456 1.00 34.00 ? 427 THR A CA 1 
ATOM 384 C CA . TRP A 1 384 ? -15.949 37.457  -17.419 1.00 32.59 ? 428 TRP A CA 1 
ATOM 385 C CA . ASP A 1 385 ? -15.623 40.032  -20.230 1.00 36.57 ? 429 ASP A CA 1 
ATOM 386 C CA . GLY A 1 386 ? -19.363 39.793  -20.694 1.00 29.69 ? 430 GLY A CA 1 
ATOM 387 C CA . ASN A 1 387 ? -20.076 41.263  -17.247 1.00 31.75 ? 431 ASN A CA 1 
ATOM 388 C CA . TYR A 1 388 ? -22.577 44.129  -16.971 1.00 33.47 ? 432 TYR A CA 1 
ATOM 389 C CA . GLN A 1 389 ? -23.901 43.754  -20.500 1.00 33.94 ? 433 GLN A CA 1 
ATOM 390 C CA . ASP A 1 390 ? -27.494 43.242  -21.616 1.00 37.22 ? 434 ASP A CA 1 
ATOM 391 C CA . LYS A 1 391 ? -28.422 39.683  -22.577 1.00 37.91 ? 435 LYS A CA 1 
ATOM 392 C CA . THR A 1 392 ? -31.862 38.963  -24.025 1.00 45.89 ? 436 THR A CA 1 
ATOM 393 C CA . ALA A 1 393 ? -34.293 36.128  -24.835 1.00 52.93 ? 437 ALA A CA 1 
ATOM 394 C CA . HIS A 1 394 ? -32.038 33.091  -25.065 1.00 50.13 ? 438 HIS A CA 1 
ATOM 395 C CA . TYR A 1 395 ? -28.367 33.696  -24.651 1.00 38.33 ? 439 TYR A CA 1 
ATOM 396 C CA . SER A 1 396 ? -25.926 30.854  -24.084 1.00 38.27 ? 440 SER A CA 1 
ATOM 397 C CA . THR A 1 397 ? -22.265 30.999  -23.137 1.00 38.52 ? 441 THR A CA 1 
ATOM 398 C CA . VAL A 1 398 ? -19.472 29.089  -21.467 1.00 32.22 ? 442 VAL A CA 1 
ATOM 399 C CA . ILE A 1 399 ? -16.881 30.607  -19.175 1.00 32.01 ? 443 ILE A CA 1 
ATOM 400 C CA . PRO A 1 400 ? -13.945 28.201  -18.883 1.00 35.49 ? 444 PRO A CA 1 
ATOM 401 C CA . LEU A 1 401 ? -12.086 28.173  -15.552 1.00 36.22 ? 445 LEU A CA 1 
ATOM 402 C CA . GLU A 1 402 ? -8.534  27.123  -14.762 1.00 36.18 ? 446 GLU A CA 1 
ATOM 403 C CA . ALA A 1 403 ? -7.988  24.198  -12.358 1.00 35.41 ? 447 ALA A CA 1 
ATOM 404 C CA . ASN A 1 404 ? -6.676  26.747  -9.843  1.00 32.86 ? 448 ASN A CA 1 
ATOM 405 C CA . ALA A 1 405 ? -9.850  28.842  -9.867  1.00 31.09 ? 449 ALA A CA 1 
ATOM 406 C CA . ARG A 1 406 ? -11.090 29.947  -6.435  1.00 31.81 ? 450 ARG A CA 1 
ATOM 407 C CA . ASN A 1 407 ? -13.584 32.272  -4.759  1.00 30.86 ? 451 ASN A CA 1 
ATOM 408 C CA . ILE A 1 408 ? -15.978 31.789  -7.695  1.00 27.49 ? 452 ILE A CA 1 
ATOM 409 C CA . ARG A 1 409 ? -19.100 33.978  -7.701  1.00 30.37 ? 453 ARG A CA 1 
ATOM 410 C CA . ILE A 1 410 ? -21.942 34.043  -10.239 1.00 27.84 ? 454 ILE A CA 1 
ATOM 411 C CA . LYS A 1 411 ? -24.591 36.763  -10.218 1.00 26.69 ? 455 LYS A CA 1 
ATOM 412 C CA . ALA A 1 412 ? -27.430 37.712  -12.533 1.00 30.28 ? 456 ALA A CA 1 
ATOM 413 C CA . ARG A 1 413 ? -29.696 40.742  -12.237 1.00 29.83 ? 457 ARG A CA 1 
ATOM 414 C CA . GLU A 1 414 ? -32.909 41.619  -14.089 1.00 29.61 ? 458 GLU A CA 1 
ATOM 415 C CA . CYS A 1 415 ? -32.908 45.074  -15.621 1.00 38.86 ? 459 CYS A CA 1 
ATOM 416 C CA . THR A 1 416 ? -35.918 46.839  -14.119 1.00 39.59 ? 460 THR A CA 1 
ATOM 417 C CA . GLY A 1 417 ? -34.772 49.940  -12.252 1.00 38.13 ? 461 GLY A CA 1 
ATOM 418 C CA . LEU A 1 418 ? -32.350 52.802  -12.747 1.00 33.90 ? 462 LEU A CA 1 
ATOM 419 C CA . ALA A 1 419 ? -28.995 50.997  -12.873 1.00 30.15 ? 463 ALA A CA 1 
ATOM 420 C CA . TRP A 1 420 ? -27.032 47.850  -11.941 1.00 32.98 ? 464 TRP A CA 1 
ATOM 421 C CA . GLU A 1 421 ? -26.823 48.882  -8.270  1.00 38.03 ? 465 GLU A CA 1 
ATOM 422 C CA . TRP A 1 422 ? -30.616 49.008  -7.935  1.00 32.97 ? 466 TRP A CA 1 
ATOM 423 C CA . TRP A 1 423 ? -31.549 45.994  -10.050 1.00 31.84 ? 467 TRP A CA 1 
ATOM 424 C CA . ARG A 1 424 ? -33.153 42.814  -8.752  1.00 31.47 ? 468 ARG A CA 1 
ATOM 425 C CA . ASP A 1 425 ? -31.006 39.703  -8.172  1.00 28.43 ? 469 ASP A CA 1 
ATOM 426 C CA . VAL A 1 426 ? -32.146 36.684  -10.248 1.00 23.54 ? 470 VAL A CA 1 
ATOM 427 C CA . ILE A 1 427 ? -29.243 34.542  -8.992  1.00 25.16 ? 471 ILE A CA 1 
ATOM 428 C CA . SER A 1 428 ? -26.513 35.404  -6.503  1.00 24.75 ? 472 SER A CA 1 
ATOM 429 C CA . GLU A 1 429 ? -23.927 32.805  -5.551  1.00 25.16 ? 473 GLU A CA 1 
ATOM 430 C CA . TYR A 1 430 ? -20.655 33.070  -3.676  1.00 26.80 ? 474 TYR A CA 1 
ATOM 431 C CA . ASP A 1 431 ? -17.877 30.552  -3.237  1.00 34.35 ? 475 ASP A CA 1 
ATOM 432 C CA . VAL A 1 432 ? -19.369 28.274  -5.901  1.00 35.41 ? 476 VAL A CA 1 
ATOM 433 C CA . PRO A 1 433 ? -17.388 25.011  -5.661  1.00 40.41 ? 477 PRO A CA 1 
ATOM 434 C CA . LEU A 1 434 ? -15.312 24.427  -8.814  1.00 40.50 ? 478 LEU A CA 1 
ATOM 435 C CA . THR A 1 435 ? -16.327 21.238  -10.627 1.00 45.33 ? 479 THR A CA 1 
ATOM 436 C CA . ASN A 1 436 ? -16.474 19.987  -14.236 1.00 44.74 ? 480 ASN A CA 1 
ATOM 437 C CA . ASN A 1 437 ? -19.657 21.856  -15.076 1.00 36.66 ? 481 ASN A CA 1 
ATOM 438 C CA . ILE A 1 438 ? -21.399 24.686  -13.227 1.00 31.44 ? 482 ILE A CA 1 
ATOM 439 C CA . ASN A 1 439 ? -24.802 25.092  -14.849 1.00 32.39 ? 483 ASN A CA 1 
ATOM 440 C CA . VAL A 1 440 ? -26.552 28.378  -14.181 1.00 30.74 ? 484 VAL A CA 1 
ATOM 441 C CA . SER A 1 441 ? -29.953 28.968  -15.752 1.00 31.12 ? 485 SER A CA 1 
ATOM 442 C CA . ILE A 1 442 ? -32.318 31.928  -15.454 1.00 33.70 ? 486 ILE A CA 1 
ATOM 443 C CA . TRP A 1 443 ? -35.891 32.160  -16.712 1.00 37.46 ? 487 TRP A CA 1 
ATOM 444 C CA . GLY A 1 444 ? -39.281 33.513  -15.694 1.00 36.89 ? 488 GLY A CA 1 
ATOM 445 C CA . THR A 1 445 ? -40.906 36.905  -15.918 1.00 40.45 ? 489 THR A CA 1 
ATOM 446 C CA . THR A 1 446 ? -39.904 40.403  -14.890 1.00 42.17 ? 490 THR A CA 1 
ATOM 447 C CA . LEU A 1 447 ? -42.201 40.165  -11.867 1.00 42.91 ? 491 LEU A CA 1 
ATOM 448 C CA . TYR A 1 448 ? -41.245 36.604  -11.024 1.00 39.54 ? 492 TYR A CA 1 
ATOM 449 C CA . PRO A 1 449 ? -37.882 35.497  -12.386 1.00 35.87 ? 493 PRO A CA 1 
ATOM 450 C CA . GLY A 1 450 ? -36.571 32.010  -11.616 1.00 31.47 ? 494 GLY A CA 1 
ATOM 451 C CA . SER A 1 451 ? -33.111 30.414  -11.493 1.00 35.02 ? 495 SER A CA 1 
ATOM 452 C CA . SER A 1 452 ? -31.053 27.362  -10.593 1.00 36.33 ? 496 SER A CA 1 
ATOM 453 C CA . ILE A 1 453 ? -27.477 26.154  -10.375 1.00 34.06 ? 497 ILE A CA 1 
ATOM 454 C CA . THR A 1 454 ? -26.517 22.521  -10.923 1.00 37.92 ? 498 THR A CA 1 
ATOM 455 C CA . TYR A 1 455 ? -23.210 20.668  -10.954 1.00 44.44 ? 499 TYR A CA 1 
ATOM 456 C CA . ASN A 1 456 ? -21.465 17.831  -12.808 1.00 56.44 ? 500 ASN A CA 1 
# 
